data_2Z80
#
_entry.id   2Z80
#
_cell.length_a   54.269
_cell.length_b   101.383
_cell.length_c   59.586
_cell.angle_alpha   90.00
_cell.angle_beta   99.82
_cell.angle_gamma   90.00
#
_symmetry.space_group_name_H-M   'P 1 21 1'
#
loop_
_entity.id
_entity.type
_entity.pdbx_description
1 polymer 'Toll-like receptor 2, Variable lymphocyte receptor B'
2 non-polymer 2-acetamido-2-deoxy-beta-D-glucopyranose
3 water water
#
_entity_poly.entity_id   1
_entity_poly.type   'polypeptide(L)'
_entity_poly.pdbx_seq_one_letter_code
;MPHTLWMVWVLGVIISLSKEESSNQASLSCDRNGICKGSSGSLNSIPSGLTEAVKSLDLSNNRITYISNSDLQRCVNLQA
LVLTSNGINTIEEDSFSSLGSLEHLDLSYNYLSNLSSSWFKPLSSLTFLNLLGNPYKTLGETSLFSHLTKLQILRVGNMD
TFTKIQRKDFAGLTFLEELEIDASDLQSYEPKSLKSIQNVSHLILHMKQHILLLEIFVDVTSSVECLELRDTDLDTFHFS
ELSTGETNSLIKKFTFRNVKITDESLFQVMKLLNQISGLLELEFSRNQLKSVPDGIFDRLTSLQKIWLHTNPWDCSCPRI
DYLSRWLNKNSQKEQGSAKCSGSGKPVRSIICP
;
_entity_poly.pdbx_strand_id   A,B
#
loop_
_chem_comp.id
_chem_comp.type
_chem_comp.name
_chem_comp.formula
NAG D-saccharide, beta linking 2-acetamido-2-deoxy-beta-D-glucopyranose 'C8 H15 N O6'
#
# COMPACT_ATOMS: atom_id res chain seq x y z
N SER A 27 -30.10 3.62 4.19
CA SER A 27 -30.95 4.05 3.05
C SER A 27 -30.13 4.19 1.78
N LEU A 28 -30.61 4.99 0.84
CA LEU A 28 -29.92 5.22 -0.43
C LEU A 28 -30.27 6.59 -0.97
N SER A 29 -29.29 7.48 -1.03
CA SER A 29 -29.54 8.82 -1.56
C SER A 29 -28.87 9.01 -2.91
N CYS A 30 -29.63 9.53 -3.87
CA CYS A 30 -29.14 9.77 -5.21
C CYS A 30 -29.21 11.27 -5.49
N ASP A 31 -28.18 11.83 -6.11
CA ASP A 31 -28.23 13.25 -6.41
C ASP A 31 -28.93 13.40 -7.76
N ARG A 32 -29.09 14.64 -8.21
CA ARG A 32 -29.79 14.88 -9.45
C ARG A 32 -29.11 14.26 -10.68
N ASN A 33 -27.82 13.97 -10.57
CA ASN A 33 -27.06 13.40 -11.67
C ASN A 33 -27.08 11.87 -11.78
N GLY A 34 -27.77 11.21 -10.85
CA GLY A 34 -27.81 9.76 -10.88
C GLY A 34 -26.72 9.11 -10.08
N ILE A 35 -26.01 9.90 -9.27
CA ILE A 35 -24.95 9.35 -8.43
C ILE A 35 -25.60 8.95 -7.11
N CYS A 36 -25.71 7.64 -6.89
CA CYS A 36 -26.34 7.15 -5.67
C CYS A 36 -25.35 6.54 -4.70
N LYS A 37 -25.57 6.80 -3.41
CA LYS A 37 -24.69 6.26 -2.38
C LYS A 37 -25.46 5.68 -1.21
N GLY A 38 -24.99 4.54 -0.71
CA GLY A 38 -25.61 3.89 0.43
C GLY A 38 -24.92 4.41 1.67
N SER A 39 -25.15 5.69 1.94
CA SER A 39 -24.55 6.39 3.08
C SER A 39 -24.38 5.56 4.35
N SER A 40 -25.48 5.29 5.04
CA SER A 40 -25.43 4.53 6.28
C SER A 40 -25.36 3.02 6.02
N GLY A 41 -24.55 2.33 6.82
CA GLY A 41 -24.42 0.90 6.66
C GLY A 41 -25.59 0.17 7.27
N SER A 42 -26.64 -0.05 6.48
CA SER A 42 -27.83 -0.72 6.97
C SER A 42 -28.58 -1.49 5.87
N LEU A 43 -28.09 -1.38 4.63
CA LEU A 43 -28.73 -2.07 3.52
C LEU A 43 -28.46 -3.56 3.63
N ASN A 44 -29.51 -4.37 3.54
CA ASN A 44 -29.38 -5.82 3.63
C ASN A 44 -29.32 -6.46 2.25
N SER A 45 -29.56 -5.64 1.23
CA SER A 45 -29.53 -6.10 -0.15
C SER A 45 -29.50 -4.87 -1.04
N ILE A 46 -29.33 -5.06 -2.34
CA ILE A 46 -29.32 -3.94 -3.27
C ILE A 46 -30.74 -3.37 -3.30
N PRO A 47 -30.88 -2.05 -3.15
CA PRO A 47 -32.21 -1.43 -3.16
C PRO A 47 -33.03 -1.83 -4.38
N SER A 48 -34.34 -1.98 -4.17
CA SER A 48 -35.23 -2.36 -5.26
C SER A 48 -35.64 -1.13 -6.05
N GLY A 49 -36.09 -1.34 -7.28
CA GLY A 49 -36.55 -0.24 -8.09
C GLY A 49 -35.53 0.69 -8.73
N LEU A 50 -34.26 0.29 -8.81
CA LEU A 50 -33.25 1.14 -9.43
C LEU A 50 -33.63 1.25 -10.91
N THR A 51 -33.49 2.45 -11.49
CA THR A 51 -33.87 2.67 -12.88
C THR A 51 -32.72 2.99 -13.83
N GLU A 52 -33.08 3.29 -15.08
CA GLU A 52 -32.10 3.62 -16.12
C GLU A 52 -31.37 4.92 -15.80
N ALA A 53 -31.88 5.68 -14.83
CA ALA A 53 -31.26 6.96 -14.47
C ALA A 53 -30.01 6.82 -13.62
N VAL A 54 -29.84 5.69 -12.96
CA VAL A 54 -28.67 5.48 -12.09
C VAL A 54 -27.36 5.42 -12.88
N LYS A 55 -26.46 6.35 -12.61
CA LYS A 55 -25.18 6.40 -13.30
C LYS A 55 -24.03 5.88 -12.45
N SER A 56 -24.20 5.92 -11.13
CA SER A 56 -23.16 5.44 -10.22
C SER A 56 -23.82 4.92 -8.95
N LEU A 57 -23.35 3.76 -8.50
CA LEU A 57 -23.92 3.14 -7.30
C LEU A 57 -22.82 2.73 -6.35
N ASP A 58 -22.71 3.43 -5.23
CA ASP A 58 -21.70 3.11 -4.24
C ASP A 58 -22.39 2.61 -2.98
N LEU A 59 -22.34 1.30 -2.77
CA LEU A 59 -22.96 0.69 -1.60
C LEU A 59 -21.91 0.05 -0.70
N SER A 60 -20.71 0.60 -0.70
CA SER A 60 -19.65 0.04 0.13
C SER A 60 -19.99 0.12 1.62
N ASN A 61 -19.43 -0.82 2.37
CA ASN A 61 -19.63 -0.90 3.82
C ASN A 61 -21.05 -1.11 4.29
N ASN A 62 -21.78 -1.98 3.59
CA ASN A 62 -23.15 -2.29 3.98
C ASN A 62 -23.20 -3.77 4.35
N ARG A 63 -24.38 -4.36 4.37
CA ARG A 63 -24.51 -5.77 4.73
C ARG A 63 -25.15 -6.63 3.67
N ILE A 64 -24.85 -6.35 2.41
CA ILE A 64 -25.38 -7.11 1.30
C ILE A 64 -24.64 -8.44 1.22
N THR A 65 -25.38 -9.53 1.01
CA THR A 65 -24.75 -10.85 0.95
C THR A 65 -25.08 -11.61 -0.33
N TYR A 66 -26.07 -11.13 -1.07
CA TYR A 66 -26.51 -11.81 -2.27
C TYR A 66 -26.92 -10.83 -3.37
N ILE A 67 -26.56 -11.12 -4.60
CA ILE A 67 -26.95 -10.28 -5.73
C ILE A 67 -27.71 -11.20 -6.69
N SER A 68 -28.94 -10.83 -7.05
CA SER A 68 -29.74 -11.65 -7.95
C SER A 68 -29.80 -11.03 -9.34
N ASN A 69 -30.23 -11.81 -10.32
CA ASN A 69 -30.33 -11.34 -11.70
C ASN A 69 -31.13 -10.05 -11.89
N SER A 70 -32.20 -9.88 -11.11
CA SER A 70 -33.06 -8.70 -11.27
C SER A 70 -32.59 -7.41 -10.58
N ASP A 71 -31.71 -7.52 -9.60
CA ASP A 71 -31.25 -6.35 -8.86
C ASP A 71 -30.82 -5.14 -9.72
N LEU A 72 -29.97 -5.39 -10.71
CA LEU A 72 -29.45 -4.31 -11.54
C LEU A 72 -29.89 -4.41 -13.01
N GLN A 73 -30.96 -5.13 -13.27
CA GLN A 73 -31.43 -5.32 -14.64
C GLN A 73 -31.81 -4.06 -15.43
N ARG A 74 -32.19 -2.99 -14.75
CA ARG A 74 -32.59 -1.77 -15.45
C ARG A 74 -31.51 -0.69 -15.53
N CYS A 75 -30.39 -0.90 -14.85
CA CYS A 75 -29.32 0.08 -14.83
C CYS A 75 -28.40 0.05 -16.04
N VAL A 76 -28.97 0.23 -17.23
CA VAL A 76 -28.19 0.20 -18.47
C VAL A 76 -27.23 1.36 -18.66
N ASN A 77 -27.28 2.35 -17.78
CA ASN A 77 -26.39 3.50 -17.91
C ASN A 77 -25.42 3.61 -16.74
N LEU A 78 -25.38 2.56 -15.92
CA LEU A 78 -24.50 2.54 -14.76
C LEU A 78 -23.04 2.49 -15.22
N GLN A 79 -22.24 3.45 -14.76
CA GLN A 79 -20.84 3.52 -15.13
C GLN A 79 -19.89 3.04 -14.03
N ALA A 80 -20.36 3.06 -12.78
CA ALA A 80 -19.54 2.62 -11.66
C ALA A 80 -20.38 1.88 -10.63
N LEU A 81 -19.88 0.74 -10.18
CA LEU A 81 -20.55 -0.07 -9.18
C LEU A 81 -19.50 -0.38 -8.13
N VAL A 82 -19.73 0.08 -6.89
CA VAL A 82 -18.79 -0.13 -5.80
C VAL A 82 -19.49 -0.90 -4.69
N LEU A 83 -19.05 -2.12 -4.45
CA LEU A 83 -19.65 -2.96 -3.43
C LEU A 83 -18.63 -3.42 -2.40
N THR A 84 -17.58 -2.62 -2.26
CA THR A 84 -16.49 -2.91 -1.33
C THR A 84 -16.98 -3.15 0.09
N SER A 85 -16.36 -4.12 0.76
CA SER A 85 -16.67 -4.43 2.15
C SER A 85 -18.11 -4.71 2.53
N ASN A 86 -18.74 -5.65 1.82
CA ASN A 86 -20.10 -6.09 2.13
C ASN A 86 -19.85 -7.56 2.46
N GLY A 87 -20.90 -8.36 2.54
CA GLY A 87 -20.69 -9.77 2.85
C GLY A 87 -21.16 -10.66 1.72
N ILE A 88 -21.02 -10.17 0.50
CA ILE A 88 -21.46 -10.92 -0.67
C ILE A 88 -20.75 -12.25 -0.86
N ASN A 89 -21.53 -13.32 -0.89
CA ASN A 89 -21.00 -14.66 -1.07
C ASN A 89 -21.60 -15.32 -2.30
N THR A 90 -22.59 -14.66 -2.89
CA THR A 90 -23.23 -15.21 -4.09
C THR A 90 -23.68 -14.13 -5.05
N ILE A 91 -23.33 -14.30 -6.33
CA ILE A 91 -23.76 -13.39 -7.38
C ILE A 91 -24.32 -14.24 -8.51
N GLU A 92 -25.62 -14.12 -8.75
CA GLU A 92 -26.24 -14.91 -9.79
C GLU A 92 -25.59 -14.65 -11.15
N GLU A 93 -25.52 -15.72 -11.93
CA GLU A 93 -24.93 -15.74 -13.27
C GLU A 93 -25.08 -14.49 -14.13
N ASP A 94 -26.30 -14.02 -14.31
CA ASP A 94 -26.53 -12.86 -15.17
C ASP A 94 -26.83 -11.54 -14.45
N SER A 95 -26.34 -11.40 -13.23
CA SER A 95 -26.58 -10.19 -12.45
C SER A 95 -26.12 -8.90 -13.13
N PHE A 96 -25.08 -9.00 -13.97
CA PHE A 96 -24.52 -7.82 -14.63
C PHE A 96 -24.82 -7.72 -16.12
N SER A 97 -25.75 -8.54 -16.60
CA SER A 97 -26.09 -8.56 -18.03
C SER A 97 -26.41 -7.21 -18.68
N SER A 98 -27.13 -6.35 -17.98
CA SER A 98 -27.53 -5.06 -18.52
C SER A 98 -26.50 -3.95 -18.37
N LEU A 99 -25.40 -4.23 -17.67
CA LEU A 99 -24.40 -3.21 -17.40
C LEU A 99 -23.33 -2.98 -18.47
N GLY A 100 -23.75 -2.82 -19.72
CA GLY A 100 -22.79 -2.60 -20.79
C GLY A 100 -22.05 -1.28 -20.73
N SER A 101 -22.54 -0.35 -19.93
CA SER A 101 -21.89 0.96 -19.80
C SER A 101 -20.93 1.00 -18.61
N LEU A 102 -20.87 -0.10 -17.86
CA LEU A 102 -20.02 -0.15 -16.67
C LEU A 102 -18.52 -0.04 -16.97
N GLU A 103 -17.85 0.90 -16.31
CA GLU A 103 -16.42 1.11 -16.49
C GLU A 103 -15.62 0.80 -15.24
N HIS A 104 -16.27 0.95 -14.08
CA HIS A 104 -15.60 0.74 -12.80
C HIS A 104 -16.35 -0.27 -11.95
N LEU A 105 -15.73 -1.41 -11.64
CA LEU A 105 -16.38 -2.43 -10.82
C LEU A 105 -15.48 -2.79 -9.65
N ASP A 106 -15.99 -2.61 -8.44
CA ASP A 106 -15.21 -2.92 -7.24
C ASP A 106 -15.98 -3.92 -6.37
N LEU A 107 -15.48 -5.14 -6.29
CA LEU A 107 -16.10 -6.20 -5.49
C LEU A 107 -15.13 -6.59 -4.38
N SER A 108 -14.14 -5.73 -4.14
CA SER A 108 -13.13 -5.97 -3.13
C SER A 108 -13.68 -6.23 -1.74
N TYR A 109 -13.00 -7.09 -1.01
CA TYR A 109 -13.36 -7.44 0.37
C TYR A 109 -14.78 -7.91 0.62
N ASN A 110 -15.16 -8.97 -0.08
CA ASN A 110 -16.46 -9.57 0.12
C ASN A 110 -16.15 -11.04 0.44
N TYR A 111 -17.14 -11.91 0.30
CA TYR A 111 -16.90 -13.32 0.61
C TYR A 111 -17.09 -14.24 -0.59
N LEU A 112 -16.59 -13.81 -1.75
CA LEU A 112 -16.67 -14.62 -2.96
C LEU A 112 -15.60 -15.69 -2.91
N SER A 113 -16.03 -16.95 -2.80
CA SER A 113 -15.10 -18.08 -2.72
C SER A 113 -14.74 -18.62 -4.10
N ASN A 114 -15.47 -18.20 -5.11
CA ASN A 114 -15.21 -18.62 -6.49
C ASN A 114 -15.70 -17.51 -7.41
N LEU A 115 -15.05 -17.38 -8.57
CA LEU A 115 -15.41 -16.35 -9.53
C LEU A 115 -16.06 -16.96 -10.75
N SER A 116 -17.01 -16.25 -11.35
CA SER A 116 -17.69 -16.74 -12.54
C SER A 116 -17.41 -15.87 -13.74
N SER A 117 -16.99 -16.48 -14.84
CA SER A 117 -16.70 -15.73 -16.06
C SER A 117 -17.96 -15.04 -16.60
N SER A 118 -19.14 -15.59 -16.29
CA SER A 118 -20.37 -14.99 -16.78
C SER A 118 -20.61 -13.59 -16.22
N TRP A 119 -20.02 -13.28 -15.07
CA TRP A 119 -20.20 -11.95 -14.49
C TRP A 119 -19.56 -10.87 -15.35
N PHE A 120 -18.40 -11.19 -15.92
CA PHE A 120 -17.67 -10.22 -16.72
C PHE A 120 -17.96 -10.21 -18.22
N LYS A 121 -18.64 -11.26 -18.69
CA LYS A 121 -18.99 -11.39 -20.11
C LYS A 121 -19.71 -10.16 -20.68
N PRO A 122 -20.66 -9.56 -19.93
CA PRO A 122 -21.38 -8.39 -20.43
C PRO A 122 -20.67 -7.06 -20.17
N LEU A 123 -19.52 -7.10 -19.52
CA LEU A 123 -18.83 -5.87 -19.15
C LEU A 123 -17.60 -5.48 -19.97
N SER A 124 -17.72 -5.51 -21.29
CA SER A 124 -16.59 -5.18 -22.15
C SER A 124 -16.05 -3.76 -22.07
N SER A 125 -16.78 -2.85 -21.43
CA SER A 125 -16.34 -1.45 -21.32
C SER A 125 -15.50 -1.18 -20.08
N LEU A 126 -15.33 -2.21 -19.26
CA LEU A 126 -14.57 -2.09 -18.01
C LEU A 126 -13.14 -1.57 -18.17
N THR A 127 -12.76 -0.62 -17.32
CA THR A 127 -11.41 -0.06 -17.31
C THR A 127 -10.77 -0.28 -15.94
N PHE A 128 -11.62 -0.56 -14.94
CA PHE A 128 -11.17 -0.77 -13.57
C PHE A 128 -11.91 -1.97 -12.98
N LEU A 129 -11.15 -2.94 -12.47
CA LEU A 129 -11.76 -4.13 -11.88
C LEU A 129 -10.98 -4.52 -10.63
N ASN A 130 -11.65 -4.52 -9.48
CA ASN A 130 -10.98 -4.88 -8.24
C ASN A 130 -11.68 -6.06 -7.58
N LEU A 131 -10.98 -7.19 -7.49
CA LEU A 131 -11.52 -8.41 -6.88
C LEU A 131 -10.71 -8.82 -5.65
N LEU A 132 -9.85 -7.91 -5.19
CA LEU A 132 -8.97 -8.13 -4.04
C LEU A 132 -9.75 -8.42 -2.75
N GLY A 133 -9.16 -9.23 -1.87
CA GLY A 133 -9.81 -9.50 -0.60
C GLY A 133 -10.93 -10.52 -0.50
N ASN A 134 -11.18 -11.26 -1.56
CA ASN A 134 -12.22 -12.29 -1.55
C ASN A 134 -11.51 -13.62 -1.35
N PRO A 135 -12.08 -14.52 -0.53
CA PRO A 135 -11.50 -15.84 -0.22
C PRO A 135 -11.49 -16.94 -1.28
N TYR A 136 -11.07 -16.62 -2.50
CA TYR A 136 -10.99 -17.64 -3.55
C TYR A 136 -9.56 -18.18 -3.62
N LYS A 137 -9.42 -19.46 -3.94
CA LYS A 137 -8.12 -20.12 -4.02
C LYS A 137 -7.40 -19.88 -5.35
N THR A 138 -8.18 -19.76 -6.41
CA THR A 138 -7.64 -19.50 -7.76
C THR A 138 -8.68 -18.64 -8.47
N LEU A 139 -8.37 -18.24 -9.69
CA LEU A 139 -9.30 -17.42 -10.46
C LEU A 139 -10.36 -18.28 -11.17
N GLY A 140 -10.25 -19.61 -11.02
CA GLY A 140 -11.22 -20.49 -11.65
C GLY A 140 -10.69 -21.27 -12.84
N GLU A 141 -11.52 -22.14 -13.39
CA GLU A 141 -11.13 -22.97 -14.53
C GLU A 141 -11.44 -22.34 -15.88
N THR A 142 -12.00 -21.13 -15.87
CA THR A 142 -12.34 -20.43 -17.10
C THR A 142 -11.75 -19.03 -17.11
N SER A 143 -11.15 -18.64 -18.23
CA SER A 143 -10.58 -17.30 -18.33
C SER A 143 -11.67 -16.28 -18.07
N LEU A 144 -11.42 -15.40 -17.12
CA LEU A 144 -12.38 -14.37 -16.73
C LEU A 144 -12.32 -13.06 -17.48
N PHE A 145 -11.16 -12.73 -18.03
CA PHE A 145 -10.98 -11.44 -18.69
C PHE A 145 -10.67 -11.42 -20.18
N SER A 146 -10.91 -12.55 -20.85
CA SER A 146 -10.63 -12.71 -22.28
C SER A 146 -11.02 -11.55 -23.21
N HIS A 147 -12.11 -10.86 -22.89
CA HIS A 147 -12.57 -9.78 -23.75
C HIS A 147 -12.58 -8.38 -23.15
N LEU A 148 -11.91 -8.20 -22.02
CA LEU A 148 -11.88 -6.88 -21.39
C LEU A 148 -10.71 -6.12 -22.00
N THR A 149 -10.87 -5.80 -23.29
CA THR A 149 -9.85 -5.11 -24.06
C THR A 149 -9.59 -3.65 -23.68
N LYS A 150 -10.42 -3.09 -22.81
CA LYS A 150 -10.24 -1.71 -22.39
C LYS A 150 -9.78 -1.62 -20.93
N LEU A 151 -9.63 -2.76 -20.28
CA LEU A 151 -9.22 -2.78 -18.88
C LEU A 151 -7.85 -2.13 -18.70
N GLN A 152 -7.74 -1.26 -17.70
CA GLN A 152 -6.49 -0.57 -17.43
C GLN A 152 -5.93 -0.97 -16.08
N ILE A 153 -6.83 -1.17 -15.12
CA ILE A 153 -6.42 -1.54 -13.77
C ILE A 153 -7.12 -2.82 -13.31
N LEU A 154 -6.32 -3.79 -12.90
CA LEU A 154 -6.86 -5.06 -12.41
C LEU A 154 -6.18 -5.43 -11.11
N ARG A 155 -6.98 -5.78 -10.09
CA ARG A 155 -6.44 -6.18 -8.81
C ARG A 155 -7.10 -7.51 -8.44
N VAL A 156 -6.28 -8.53 -8.16
CA VAL A 156 -6.80 -9.85 -7.80
C VAL A 156 -5.98 -10.46 -6.68
N GLY A 157 -6.55 -11.44 -6.00
CA GLY A 157 -5.83 -12.11 -4.92
C GLY A 157 -6.33 -11.82 -3.52
N ASN A 158 -5.60 -12.36 -2.54
CA ASN A 158 -5.91 -12.16 -1.13
C ASN A 158 -4.70 -12.57 -0.29
N MET A 159 -4.71 -12.20 0.99
CA MET A 159 -3.58 -12.50 1.85
C MET A 159 -3.48 -13.92 2.40
N ASP A 160 -4.59 -14.65 2.47
CA ASP A 160 -4.57 -15.99 3.07
C ASP A 160 -5.04 -17.21 2.28
N THR A 161 -5.75 -17.05 1.18
CA THR A 161 -6.27 -18.21 0.45
C THR A 161 -5.81 -18.44 -0.99
N PHE A 162 -5.47 -17.37 -1.69
CA PHE A 162 -5.01 -17.45 -3.08
C PHE A 162 -3.69 -18.20 -3.17
N THR A 163 -3.69 -19.38 -3.77
CA THR A 163 -2.46 -20.18 -3.84
C THR A 163 -1.95 -20.59 -5.23
N LYS A 164 -2.75 -20.37 -6.28
CA LYS A 164 -2.30 -20.77 -7.61
C LYS A 164 -2.61 -19.77 -8.71
N ILE A 165 -1.66 -19.60 -9.62
CA ILE A 165 -1.82 -18.72 -10.77
C ILE A 165 -1.72 -19.66 -11.97
N GLN A 166 -2.72 -19.61 -12.84
CA GLN A 166 -2.78 -20.49 -14.02
C GLN A 166 -2.56 -19.73 -15.32
N ARG A 167 -2.11 -20.45 -16.35
CA ARG A 167 -1.84 -19.83 -17.63
C ARG A 167 -3.09 -19.23 -18.25
N LYS A 168 -4.26 -19.77 -17.92
CA LYS A 168 -5.50 -19.24 -18.48
C LYS A 168 -5.90 -17.93 -17.79
N ASP A 169 -5.32 -17.65 -16.65
CA ASP A 169 -5.64 -16.41 -15.96
C ASP A 169 -5.02 -15.30 -16.82
N PHE A 170 -5.66 -14.14 -16.86
CA PHE A 170 -5.14 -13.02 -17.63
C PHE A 170 -5.14 -13.18 -19.15
N ALA A 171 -5.64 -14.29 -19.66
CA ALA A 171 -5.70 -14.47 -21.10
C ALA A 171 -6.57 -13.34 -21.66
N GLY A 172 -6.17 -12.77 -22.79
CA GLY A 172 -6.95 -11.71 -23.39
C GLY A 172 -6.45 -10.31 -23.08
N LEU A 173 -5.74 -10.17 -21.96
CA LEU A 173 -5.20 -8.88 -21.56
C LEU A 173 -3.87 -8.60 -22.26
N THR A 174 -3.79 -7.48 -22.97
CA THR A 174 -2.58 -7.13 -23.70
C THR A 174 -1.89 -5.88 -23.13
N PHE A 175 -2.66 -4.85 -22.83
CA PHE A 175 -2.12 -3.61 -22.29
C PHE A 175 -2.79 -3.24 -20.97
N LEU A 176 -1.98 -3.08 -19.92
CA LEU A 176 -2.49 -2.74 -18.60
C LEU A 176 -1.66 -1.60 -17.99
N GLU A 177 -2.33 -0.71 -17.27
CA GLU A 177 -1.63 0.39 -16.61
C GLU A 177 -1.18 -0.10 -15.24
N GLU A 178 -2.00 -0.91 -14.60
CA GLU A 178 -1.65 -1.43 -13.29
C GLU A 178 -2.28 -2.79 -13.04
N LEU A 179 -1.46 -3.73 -12.62
CA LEU A 179 -1.91 -5.07 -12.29
C LEU A 179 -1.42 -5.34 -10.89
N GLU A 180 -2.34 -5.57 -9.96
CA GLU A 180 -1.96 -5.87 -8.58
C GLU A 180 -2.38 -7.29 -8.25
N ILE A 181 -1.41 -8.09 -7.84
CA ILE A 181 -1.69 -9.48 -7.50
C ILE A 181 -1.26 -9.77 -6.07
N ASP A 182 -2.22 -10.01 -5.19
CA ASP A 182 -1.85 -10.35 -3.83
C ASP A 182 -1.78 -11.86 -3.83
N ALA A 183 -0.56 -12.39 -3.95
CA ALA A 183 -0.35 -13.83 -3.96
C ALA A 183 0.49 -14.19 -2.74
N SER A 184 0.15 -13.58 -1.61
CA SER A 184 0.88 -13.81 -0.37
C SER A 184 1.16 -15.29 -0.15
N ASP A 185 0.12 -16.12 -0.26
CA ASP A 185 0.32 -17.55 -0.03
C ASP A 185 0.51 -18.38 -1.30
N LEU A 186 1.01 -17.75 -2.37
CA LEU A 186 1.23 -18.45 -3.64
C LEU A 186 2.06 -19.72 -3.48
N GLN A 187 1.56 -20.83 -4.00
CA GLN A 187 2.28 -22.10 -3.91
C GLN A 187 2.64 -22.63 -5.30
N SER A 188 1.89 -22.19 -6.30
CA SER A 188 2.11 -22.65 -7.66
C SER A 188 1.95 -21.53 -8.69
N TYR A 189 2.84 -21.52 -9.69
CA TYR A 189 2.79 -20.53 -10.76
C TYR A 189 3.08 -21.23 -12.10
N GLU A 190 2.05 -21.36 -12.94
CA GLU A 190 2.22 -22.00 -14.24
C GLU A 190 3.04 -21.11 -15.17
N PRO A 191 4.21 -21.60 -15.65
CA PRO A 191 5.05 -20.81 -16.54
C PRO A 191 4.30 -20.17 -17.70
N LYS A 192 4.69 -18.95 -18.03
CA LYS A 192 4.11 -18.15 -19.11
C LYS A 192 2.75 -17.51 -18.77
N SER A 193 2.26 -17.71 -17.55
CA SER A 193 0.98 -17.14 -17.14
C SER A 193 0.91 -15.64 -17.39
N LEU A 194 1.96 -14.93 -17.00
CA LEU A 194 2.02 -13.48 -17.17
C LEU A 194 2.68 -13.07 -18.48
N LYS A 195 3.27 -14.05 -19.17
CA LYS A 195 3.98 -13.82 -20.43
C LYS A 195 3.14 -13.24 -21.56
N SER A 196 1.86 -13.59 -21.57
CA SER A 196 0.93 -13.15 -22.61
C SER A 196 0.61 -11.66 -22.64
N ILE A 197 0.78 -10.97 -21.51
CA ILE A 197 0.49 -9.54 -21.47
C ILE A 197 1.66 -8.81 -22.12
N GLN A 198 1.39 -8.04 -23.17
CA GLN A 198 2.46 -7.33 -23.86
C GLN A 198 3.06 -6.19 -23.06
N ASN A 199 2.21 -5.44 -22.37
CA ASN A 199 2.70 -4.32 -21.58
C ASN A 199 1.92 -4.09 -20.31
N VAL A 200 2.65 -3.86 -19.22
CA VAL A 200 2.07 -3.57 -17.92
C VAL A 200 2.95 -2.46 -17.37
N SER A 201 2.37 -1.27 -17.19
CA SER A 201 3.14 -0.14 -16.69
C SER A 201 3.63 -0.36 -15.27
N HIS A 202 2.75 -0.83 -14.40
CA HIS A 202 3.09 -1.08 -13.01
C HIS A 202 2.52 -2.44 -12.56
N LEU A 203 3.40 -3.34 -12.12
CA LEU A 203 2.95 -4.65 -11.64
C LEU A 203 3.32 -4.72 -10.17
N ILE A 204 2.34 -4.98 -9.31
CA ILE A 204 2.56 -5.09 -7.88
C ILE A 204 2.28 -6.53 -7.49
N LEU A 205 3.28 -7.20 -6.92
CA LEU A 205 3.14 -8.59 -6.53
C LEU A 205 3.40 -8.78 -5.04
N HIS A 206 2.38 -9.24 -4.31
CA HIS A 206 2.54 -9.54 -2.89
C HIS A 206 2.81 -11.05 -2.87
N MET A 207 3.91 -11.47 -2.25
CA MET A 207 4.24 -12.89 -2.21
C MET A 207 5.19 -13.15 -1.04
N LYS A 208 4.78 -14.02 -0.12
CA LYS A 208 5.59 -14.33 1.06
C LYS A 208 6.85 -15.14 0.78
N GLN A 209 6.75 -16.15 -0.06
CA GLN A 209 7.91 -17.00 -0.36
C GLN A 209 8.62 -16.53 -1.62
N HIS A 210 9.91 -16.84 -1.73
CA HIS A 210 10.67 -16.43 -2.91
C HIS A 210 10.92 -17.54 -3.91
N ILE A 211 10.55 -18.77 -3.58
CA ILE A 211 10.80 -19.89 -4.48
C ILE A 211 10.30 -19.68 -5.91
N LEU A 212 9.17 -18.97 -6.07
CA LEU A 212 8.60 -18.72 -7.40
C LEU A 212 8.95 -17.36 -7.98
N LEU A 213 9.79 -16.58 -7.30
CA LEU A 213 10.16 -15.26 -7.77
C LEU A 213 10.80 -15.21 -9.15
N LEU A 214 11.81 -16.04 -9.39
CA LEU A 214 12.49 -16.07 -10.68
C LEU A 214 11.59 -16.64 -11.77
N GLU A 215 10.64 -17.49 -11.39
CA GLU A 215 9.71 -18.08 -12.34
C GLU A 215 8.86 -16.98 -12.94
N ILE A 216 8.40 -16.08 -12.06
CA ILE A 216 7.56 -14.96 -12.46
C ILE A 216 8.41 -13.92 -13.19
N PHE A 217 9.59 -13.65 -12.65
CA PHE A 217 10.48 -12.67 -13.22
C PHE A 217 10.78 -12.85 -14.71
N VAL A 218 11.09 -14.07 -15.12
CA VAL A 218 11.40 -14.31 -16.52
C VAL A 218 10.21 -14.05 -17.44
N ASP A 219 9.00 -14.13 -16.88
CA ASP A 219 7.81 -13.91 -17.69
C ASP A 219 7.42 -12.44 -17.81
N VAL A 220 7.95 -11.60 -16.94
CA VAL A 220 7.59 -10.17 -16.96
C VAL A 220 8.73 -9.21 -17.23
N THR A 221 9.97 -9.71 -17.25
CA THR A 221 11.12 -8.86 -17.47
C THR A 221 11.05 -7.99 -18.73
N SER A 222 10.35 -8.45 -19.76
CA SER A 222 10.25 -7.70 -21.00
C SER A 222 8.94 -6.96 -21.23
N SER A 223 8.02 -7.02 -20.27
CA SER A 223 6.73 -6.37 -20.45
C SER A 223 6.35 -5.39 -19.33
N VAL A 224 7.13 -5.36 -18.27
CA VAL A 224 6.83 -4.47 -17.14
C VAL A 224 7.81 -3.31 -17.02
N GLU A 225 7.28 -2.10 -16.80
CA GLU A 225 8.11 -0.91 -16.66
C GLU A 225 8.54 -0.74 -15.22
N CYS A 226 7.57 -0.83 -14.31
CA CYS A 226 7.84 -0.71 -12.88
C CYS A 226 7.35 -1.97 -12.18
N LEU A 227 8.26 -2.66 -11.52
CA LEU A 227 7.92 -3.88 -10.81
C LEU A 227 8.04 -3.61 -9.33
N GLU A 228 7.03 -4.05 -8.57
CA GLU A 228 7.03 -3.86 -7.13
C GLU A 228 6.78 -5.21 -6.47
N LEU A 229 7.70 -5.61 -5.58
CA LEU A 229 7.61 -6.86 -4.86
C LEU A 229 7.33 -6.51 -3.40
N ARG A 230 6.31 -7.12 -2.82
CA ARG A 230 5.94 -6.84 -1.43
C ARG A 230 5.91 -8.10 -0.54
N ASP A 231 6.27 -7.92 0.73
CA ASP A 231 6.23 -8.94 1.77
C ASP A 231 7.10 -10.19 1.71
N THR A 232 7.89 -10.32 0.66
CA THR A 232 8.73 -11.49 0.45
C THR A 232 9.85 -11.74 1.46
N ASP A 233 9.96 -12.97 1.93
CA ASP A 233 11.03 -13.38 2.84
C ASP A 233 12.14 -13.81 1.90
N LEU A 234 13.20 -13.01 1.82
CA LEU A 234 14.29 -13.34 0.90
C LEU A 234 15.42 -14.16 1.51
N ASP A 235 15.20 -14.71 2.70
CA ASP A 235 16.22 -15.54 3.32
C ASP A 235 16.41 -16.76 2.43
N THR A 236 17.67 -17.09 2.13
CA THR A 236 18.04 -18.21 1.28
C THR A 236 17.82 -17.96 -0.21
N PHE A 237 17.41 -16.76 -0.59
CA PHE A 237 17.23 -16.45 -2.01
C PHE A 237 18.61 -16.45 -2.66
N HIS A 238 18.73 -17.04 -3.84
CA HIS A 238 19.99 -17.06 -4.57
C HIS A 238 19.73 -16.82 -6.05
N PHE A 239 20.58 -16.04 -6.68
CA PHE A 239 20.45 -15.75 -8.11
C PHE A 239 21.65 -16.28 -8.88
N SER A 240 21.37 -17.06 -9.94
CA SER A 240 22.43 -17.63 -10.77
C SER A 240 22.33 -17.18 -12.22
N THR A 247 17.51 -12.08 -23.01
CA THR A 247 17.03 -11.45 -21.77
C THR A 247 16.44 -10.07 -22.05
N ASN A 248 17.31 -9.11 -22.31
CA ASN A 248 16.90 -7.73 -22.60
C ASN A 248 15.73 -7.25 -21.75
N SER A 249 15.98 -7.07 -20.45
CA SER A 249 14.95 -6.61 -19.54
C SER A 249 14.57 -5.16 -19.87
N LEU A 250 13.29 -4.84 -19.72
CA LEU A 250 12.81 -3.48 -20.00
C LEU A 250 12.34 -2.80 -18.72
N ILE A 251 12.61 -3.41 -17.57
CA ILE A 251 12.20 -2.83 -16.29
C ILE A 251 13.01 -1.55 -16.07
N LYS A 252 12.33 -0.47 -15.72
CA LYS A 252 12.98 0.81 -15.47
C LYS A 252 13.06 1.13 -13.98
N LYS A 253 12.11 0.57 -13.22
CA LYS A 253 12.06 0.80 -11.79
C LYS A 253 11.71 -0.49 -11.07
N PHE A 254 12.38 -0.75 -9.95
CA PHE A 254 12.12 -1.95 -9.16
C PHE A 254 11.94 -1.47 -7.75
N THR A 255 10.81 -1.83 -7.15
CA THR A 255 10.50 -1.43 -5.80
C THR A 255 10.35 -2.65 -4.92
N PHE A 256 10.88 -2.55 -3.70
CA PHE A 256 10.77 -3.61 -2.71
C PHE A 256 10.09 -2.96 -1.52
N ARG A 257 9.05 -3.60 -0.97
CA ARG A 257 8.35 -3.06 0.18
C ARG A 257 8.03 -4.15 1.18
N ASN A 258 8.41 -3.94 2.43
CA ASN A 258 8.17 -4.91 3.50
C ASN A 258 8.76 -6.30 3.22
N VAL A 259 9.92 -6.33 2.58
CA VAL A 259 10.57 -7.61 2.32
C VAL A 259 11.53 -7.87 3.47
N LYS A 260 11.84 -9.13 3.71
CA LYS A 260 12.77 -9.53 4.77
C LYS A 260 14.10 -9.77 4.12
N ILE A 261 15.07 -8.92 4.41
CA ILE A 261 16.37 -9.05 3.77
C ILE A 261 17.54 -8.91 4.74
N THR A 262 18.70 -9.38 4.30
CA THR A 262 19.94 -9.33 5.10
C THR A 262 21.07 -8.98 4.14
N ASP A 263 22.26 -8.71 4.68
CA ASP A 263 23.39 -8.37 3.81
C ASP A 263 23.60 -9.48 2.77
N GLU A 264 23.48 -10.74 3.20
CA GLU A 264 23.66 -11.85 2.28
C GLU A 264 22.60 -11.96 1.17
N SER A 265 21.33 -11.82 1.53
CA SER A 265 20.29 -11.91 0.51
C SER A 265 20.24 -10.64 -0.34
N LEU A 266 20.67 -9.52 0.22
CA LEU A 266 20.67 -8.26 -0.55
C LEU A 266 21.69 -8.44 -1.67
N PHE A 267 22.78 -9.12 -1.36
CA PHE A 267 23.83 -9.35 -2.37
C PHE A 267 23.29 -10.20 -3.51
N GLN A 268 22.51 -11.22 -3.18
CA GLN A 268 21.92 -12.09 -4.19
C GLN A 268 20.90 -11.33 -5.03
N VAL A 269 20.09 -10.51 -4.36
CA VAL A 269 19.08 -9.72 -5.07
C VAL A 269 19.77 -8.73 -6.00
N MET A 270 20.88 -8.17 -5.54
CA MET A 270 21.60 -7.19 -6.36
C MET A 270 22.20 -7.85 -7.60
N LYS A 271 22.49 -9.15 -7.52
CA LYS A 271 23.04 -9.84 -8.68
C LYS A 271 21.98 -9.78 -9.78
N LEU A 272 20.72 -9.90 -9.39
CA LEU A 272 19.62 -9.86 -10.34
C LEU A 272 19.45 -8.44 -10.88
N LEU A 273 19.45 -7.47 -9.99
CA LEU A 273 19.28 -6.07 -10.39
C LEU A 273 20.43 -5.63 -11.28
N ASN A 274 21.64 -6.12 -11.00
CA ASN A 274 22.80 -5.75 -11.79
C ASN A 274 22.65 -6.15 -13.25
N GLN A 275 21.80 -7.14 -13.52
CA GLN A 275 21.60 -7.61 -14.88
C GLN A 275 20.59 -6.78 -15.67
N ILE A 276 19.79 -5.97 -14.98
CA ILE A 276 18.80 -5.12 -15.66
C ILE A 276 19.53 -3.88 -16.19
N SER A 277 20.01 -3.99 -17.44
CA SER A 277 20.77 -2.94 -18.11
C SER A 277 20.20 -1.52 -18.06
N GLY A 278 18.88 -1.39 -18.18
CA GLY A 278 18.29 -0.07 -18.17
C GLY A 278 17.64 0.38 -16.87
N LEU A 279 17.94 -0.29 -15.77
CA LEU A 279 17.34 0.08 -14.48
C LEU A 279 17.72 1.50 -14.10
N LEU A 280 16.72 2.37 -13.99
CA LEU A 280 16.94 3.76 -13.66
C LEU A 280 16.53 4.16 -12.24
N GLU A 281 15.60 3.41 -11.65
CA GLU A 281 15.12 3.74 -10.32
C GLU A 281 15.00 2.51 -9.44
N LEU A 282 15.49 2.62 -8.20
CA LEU A 282 15.47 1.51 -7.26
C LEU A 282 14.92 1.99 -5.93
N GLU A 283 13.75 1.48 -5.54
CA GLU A 283 13.11 1.89 -4.30
C GLU A 283 13.28 0.81 -3.23
N PHE A 284 14.12 1.11 -2.25
CA PHE A 284 14.41 0.18 -1.16
C PHE A 284 13.92 0.70 0.21
N SER A 285 13.07 1.70 0.19
CA SER A 285 12.56 2.24 1.44
C SER A 285 11.61 1.22 2.08
N ARG A 286 11.40 1.32 3.39
CA ARG A 286 10.47 0.46 4.11
C ARG A 286 10.73 -1.05 4.11
N ASN A 287 12.00 -1.46 4.26
CA ASN A 287 12.30 -2.88 4.28
C ASN A 287 13.11 -3.27 5.53
N GLN A 288 13.03 -2.43 6.55
CA GLN A 288 13.74 -2.70 7.79
C GLN A 288 15.22 -2.99 7.60
N LEU A 289 15.83 -2.27 6.66
CA LEU A 289 17.26 -2.43 6.39
C LEU A 289 18.04 -1.76 7.51
N LYS A 290 19.13 -2.40 7.93
CA LYS A 290 19.99 -1.85 8.98
C LYS A 290 21.37 -1.58 8.39
N SER A 291 21.68 -2.25 7.29
CA SER A 291 22.99 -2.11 6.65
C SER A 291 22.96 -2.65 5.23
N VAL A 292 24.10 -2.52 4.55
CA VAL A 292 24.28 -3.04 3.20
C VAL A 292 25.74 -3.48 3.07
N PRO A 293 26.02 -4.49 2.24
CA PRO A 293 27.41 -4.95 2.07
C PRO A 293 28.22 -3.86 1.37
N ASP A 294 29.50 -3.73 1.71
CA ASP A 294 30.33 -2.72 1.06
C ASP A 294 30.33 -2.95 -0.46
N GLY A 295 30.19 -1.87 -1.22
CA GLY A 295 30.19 -1.96 -2.68
C GLY A 295 28.93 -2.47 -3.35
N ILE A 296 27.88 -2.72 -2.58
CA ILE A 296 26.63 -3.24 -3.10
C ILE A 296 26.02 -2.50 -4.31
N PHE A 297 26.14 -1.17 -4.35
CA PHE A 297 25.57 -0.40 -5.46
C PHE A 297 26.53 -0.03 -6.59
N ASP A 298 27.76 -0.54 -6.52
CA ASP A 298 28.77 -0.18 -7.52
C ASP A 298 28.57 -0.57 -8.97
N ARG A 299 27.65 -1.49 -9.24
CA ARG A 299 27.40 -1.94 -10.61
C ARG A 299 26.13 -1.36 -11.23
N LEU A 300 25.45 -0.50 -10.48
CA LEU A 300 24.22 0.13 -10.98
C LEU A 300 24.60 1.45 -11.63
N THR A 301 25.45 1.40 -12.65
CA THR A 301 25.91 2.59 -13.34
C THR A 301 24.86 3.43 -14.07
N SER A 302 23.74 2.81 -14.45
CA SER A 302 22.68 3.56 -15.15
C SER A 302 21.62 4.10 -14.21
N LEU A 303 21.76 3.82 -12.92
CA LEU A 303 20.79 4.27 -11.93
C LEU A 303 20.72 5.80 -11.82
N GLN A 304 19.51 6.34 -11.77
CA GLN A 304 19.31 7.77 -11.66
C GLN A 304 18.76 8.17 -10.28
N LYS A 305 17.90 7.32 -9.73
CA LYS A 305 17.28 7.59 -8.44
C LYS A 305 17.25 6.37 -7.52
N ILE A 306 17.42 6.61 -6.22
CA ILE A 306 17.36 5.52 -5.25
C ILE A 306 16.63 6.04 -4.01
N TRP A 307 15.82 5.17 -3.40
CA TRP A 307 15.08 5.51 -2.17
C TRP A 307 15.63 4.58 -1.10
N LEU A 308 16.08 5.16 0.02
CA LEU A 308 16.63 4.35 1.11
C LEU A 308 16.03 4.72 2.47
N HIS A 309 15.07 5.65 2.47
CA HIS A 309 14.46 6.11 3.71
C HIS A 309 13.51 5.13 4.41
N THR A 310 13.02 5.52 5.57
CA THR A 310 12.15 4.67 6.36
C THR A 310 12.78 3.28 6.59
N ASN A 311 14.03 3.30 7.03
CA ASN A 311 14.79 2.10 7.37
C ASN A 311 15.62 2.46 8.59
N PRO A 312 15.75 1.54 9.55
CA PRO A 312 16.53 1.83 10.76
C PRO A 312 18.03 1.61 10.58
N TRP A 313 18.66 2.47 9.79
CA TRP A 313 20.08 2.37 9.52
C TRP A 313 20.95 2.40 10.77
N ASP A 314 21.87 1.44 10.86
CA ASP A 314 22.79 1.36 11.96
C ASP A 314 23.96 2.28 11.56
N CYS A 315 24.00 3.49 12.09
CA CYS A 315 25.08 4.40 11.70
C CYS A 315 26.37 4.31 12.53
N SER A 316 26.60 3.14 13.12
CA SER A 316 27.84 2.93 13.87
C SER A 316 28.85 3.07 12.75
N CYS A 317 30.01 3.66 13.03
CA CYS A 317 30.91 3.91 11.93
C CYS A 317 31.54 2.86 11.06
N PRO A 318 32.23 1.88 11.63
CA PRO A 318 32.78 0.94 10.65
C PRO A 318 31.71 0.51 9.64
N ARG A 319 30.60 0.02 10.17
CA ARG A 319 29.50 -0.49 9.37
C ARG A 319 28.89 0.45 8.34
N ILE A 320 28.64 1.70 8.71
CA ILE A 320 27.99 2.64 7.80
C ILE A 320 28.90 3.40 6.83
N ASP A 321 30.20 3.16 6.91
CA ASP A 321 31.17 3.86 6.07
C ASP A 321 30.84 3.85 4.58
N TYR A 322 30.69 2.66 3.99
CA TYR A 322 30.39 2.59 2.57
C TYR A 322 29.15 3.36 2.13
N LEU A 323 28.04 3.12 2.81
CA LEU A 323 26.79 3.79 2.46
C LEU A 323 26.86 5.31 2.63
N SER A 324 27.41 5.79 3.74
CA SER A 324 27.48 7.24 3.92
C SER A 324 28.33 7.88 2.82
N ARG A 325 29.46 7.27 2.52
CA ARG A 325 30.36 7.77 1.47
C ARG A 325 29.70 7.69 0.10
N TRP A 326 28.98 6.61 -0.16
CA TRP A 326 28.32 6.43 -1.44
C TRP A 326 27.26 7.51 -1.67
N LEU A 327 26.51 7.85 -0.63
CA LEU A 327 25.47 8.87 -0.75
C LEU A 327 26.06 10.24 -1.09
N ASN A 328 27.26 10.51 -0.57
CA ASN A 328 27.90 11.80 -0.84
C ASN A 328 28.57 11.84 -2.21
N LYS A 329 29.03 10.70 -2.71
CA LYS A 329 29.65 10.64 -4.02
C LYS A 329 28.56 10.75 -5.09
N ASN A 330 27.46 10.04 -4.86
CA ASN A 330 26.31 10.03 -5.76
C ASN A 330 25.25 10.94 -5.13
N SER A 331 25.67 12.19 -4.90
CA SER A 331 24.84 13.18 -4.24
C SER A 331 23.46 13.47 -4.84
N GLN A 332 23.26 13.19 -6.12
CA GLN A 332 21.99 13.48 -6.77
C GLN A 332 21.01 12.31 -6.85
N LYS A 333 21.48 11.12 -6.53
CA LYS A 333 20.62 9.94 -6.63
C LYS A 333 19.57 9.72 -5.56
N GLU A 334 19.92 9.91 -4.30
CA GLU A 334 18.95 9.68 -3.22
C GLU A 334 17.71 10.57 -3.28
N GLN A 335 16.55 9.92 -3.20
CA GLN A 335 15.27 10.60 -3.19
C GLN A 335 14.82 10.50 -1.74
N GLY A 336 14.56 11.63 -1.12
CA GLY A 336 14.17 11.61 0.28
C GLY A 336 15.44 11.61 1.10
N SER A 337 15.35 11.36 2.40
CA SER A 337 16.53 11.36 3.25
C SER A 337 16.59 10.19 4.22
N ALA A 338 17.47 9.23 3.95
CA ALA A 338 17.62 8.07 4.82
C ALA A 338 18.13 8.57 6.16
N LYS A 339 17.56 8.07 7.25
CA LYS A 339 17.96 8.51 8.57
C LYS A 339 18.51 7.39 9.46
N CYS A 340 19.37 7.79 10.39
CA CYS A 340 19.99 6.84 11.32
C CYS A 340 19.05 6.42 12.44
N SER A 341 19.13 5.15 12.82
CA SER A 341 18.30 4.67 13.93
C SER A 341 18.82 5.38 15.16
N GLY A 342 17.90 5.75 16.06
CA GLY A 342 18.32 6.45 17.26
C GLY A 342 18.43 7.96 17.12
N SER A 343 19.53 8.45 16.56
CA SER A 343 19.74 9.89 16.40
C SER A 343 18.82 10.54 15.37
N GLY A 344 18.47 9.80 14.33
CA GLY A 344 17.61 10.36 13.30
C GLY A 344 18.35 11.30 12.37
N LYS A 345 19.68 11.33 12.45
CA LYS A 345 20.49 12.18 11.58
C LYS A 345 20.56 11.57 10.19
N PRO A 346 20.69 12.41 9.15
CA PRO A 346 20.78 11.89 7.79
C PRO A 346 21.98 10.96 7.66
N VAL A 347 21.78 9.81 7.02
CA VAL A 347 22.87 8.87 6.86
C VAL A 347 24.07 9.53 6.18
N ARG A 348 23.80 10.39 5.20
CA ARG A 348 24.89 11.05 4.48
C ARG A 348 25.67 12.06 5.33
N SER A 349 25.16 12.37 6.52
CA SER A 349 25.84 13.31 7.39
C SER A 349 26.90 12.63 8.25
N ILE A 350 26.93 11.31 8.20
CA ILE A 350 27.90 10.54 8.99
C ILE A 350 29.23 10.43 8.24
N ILE A 351 30.32 10.74 8.92
CA ILE A 351 31.65 10.62 8.30
C ILE A 351 32.53 9.73 9.18
N CYS A 352 32.95 8.60 8.63
CA CYS A 352 33.79 7.68 9.36
C CYS A 352 35.26 7.90 9.00
N PRO A 353 36.14 7.88 10.02
CA PRO A 353 37.58 8.09 9.76
C PRO A 353 38.22 6.91 9.03
N SER B 27 8.59 -26.91 13.62
CA SER B 27 9.85 -26.88 14.42
C SER B 27 10.43 -25.47 14.45
N LEU B 28 11.64 -25.35 14.98
CA LEU B 28 12.30 -24.05 15.09
C LEU B 28 13.77 -24.18 14.77
N SER B 29 14.21 -23.54 13.70
CA SER B 29 15.61 -23.60 13.32
C SER B 29 16.32 -22.31 13.68
N CYS B 30 17.44 -22.44 14.39
CA CYS B 30 18.24 -21.28 14.79
C CYS B 30 19.64 -21.50 14.21
N ASP B 31 20.21 -20.48 13.57
CA ASP B 31 21.55 -20.65 13.04
C ASP B 31 22.59 -20.28 14.08
N ARG B 32 23.86 -20.35 13.72
CA ARG B 32 24.93 -20.06 14.67
C ARG B 32 25.05 -18.60 15.10
N ASN B 33 24.24 -17.73 14.50
CA ASN B 33 24.28 -16.31 14.85
C ASN B 33 23.06 -15.91 15.68
N GLY B 34 22.31 -16.90 16.14
CA GLY B 34 21.14 -16.63 16.96
C GLY B 34 19.92 -16.22 16.16
N ILE B 35 19.95 -16.41 14.85
CA ILE B 35 18.80 -16.08 14.00
C ILE B 35 17.91 -17.31 13.94
N CYS B 36 16.72 -17.20 14.53
CA CYS B 36 15.78 -18.31 14.58
C CYS B 36 14.53 -18.04 13.76
N LYS B 37 14.03 -19.08 13.11
CA LYS B 37 12.82 -18.97 12.31
C LYS B 37 12.00 -20.24 12.35
N GLY B 38 10.68 -20.07 12.33
CA GLY B 38 9.77 -21.21 12.33
C GLY B 38 9.14 -21.29 10.97
N SER B 39 9.81 -22.00 10.07
CA SER B 39 9.36 -22.15 8.68
C SER B 39 8.14 -23.04 8.45
N SER B 40 7.89 -23.99 9.34
CA SER B 40 6.73 -24.86 9.19
C SER B 40 5.61 -24.26 10.02
N GLY B 41 4.62 -23.68 9.35
CA GLY B 41 3.52 -23.05 10.06
C GLY B 41 2.69 -23.98 10.92
N SER B 42 3.35 -24.81 11.72
CA SER B 42 2.64 -25.74 12.58
C SER B 42 2.77 -25.47 14.09
N LEU B 43 3.53 -24.44 14.46
CA LEU B 43 3.69 -24.12 15.87
C LEU B 43 2.40 -23.59 16.51
N ASN B 44 2.01 -24.21 17.62
CA ASN B 44 0.79 -23.80 18.34
C ASN B 44 1.12 -22.84 19.48
N SER B 45 2.42 -22.65 19.74
CA SER B 45 2.86 -21.75 20.79
C SER B 45 4.34 -21.47 20.59
N ILE B 46 4.85 -20.46 21.29
CA ILE B 46 6.28 -20.16 21.19
C ILE B 46 7.00 -21.26 21.95
N PRO B 47 7.95 -21.94 21.29
CA PRO B 47 8.70 -23.03 21.93
C PRO B 47 9.28 -22.63 23.28
N SER B 48 9.30 -23.58 24.21
CA SER B 48 9.84 -23.31 25.54
C SER B 48 11.35 -23.45 25.52
N GLY B 49 12.01 -22.87 26.51
CA GLY B 49 13.45 -22.99 26.59
C GLY B 49 14.29 -22.06 25.73
N LEU B 50 13.71 -21.00 25.18
CA LEU B 50 14.50 -20.07 24.37
C LEU B 50 15.48 -19.39 25.33
N THR B 51 16.74 -19.30 24.93
CA THR B 51 17.79 -18.72 25.78
C THR B 51 18.24 -17.32 25.38
N GLU B 52 19.29 -16.84 26.05
CA GLU B 52 19.83 -15.52 25.78
C GLU B 52 20.57 -15.47 24.44
N ALA B 53 20.75 -16.64 23.83
CA ALA B 53 21.45 -16.72 22.55
C ALA B 53 20.60 -16.26 21.37
N VAL B 54 19.29 -16.13 21.58
CA VAL B 54 18.40 -15.72 20.50
C VAL B 54 18.49 -14.23 20.17
N LYS B 55 18.92 -13.92 18.95
CA LYS B 55 19.05 -12.53 18.52
C LYS B 55 17.89 -12.08 17.62
N SER B 56 17.27 -13.04 16.94
CA SER B 56 16.13 -12.74 16.07
C SER B 56 15.19 -13.92 16.09
N LEU B 57 13.89 -13.64 16.16
CA LEU B 57 12.90 -14.70 16.18
C LEU B 57 11.75 -14.39 15.23
N ASP B 58 11.64 -15.18 14.16
CA ASP B 58 10.57 -14.97 13.20
C ASP B 58 9.67 -16.18 13.19
N LEU B 59 8.51 -16.05 13.81
CA LEU B 59 7.54 -17.15 13.86
C LEU B 59 6.29 -16.76 13.08
N SER B 60 6.46 -15.93 12.06
CA SER B 60 5.32 -15.51 11.26
C SER B 60 4.67 -16.72 10.57
N ASN B 61 3.37 -16.60 10.32
CA ASN B 61 2.63 -17.64 9.61
C ASN B 61 2.52 -19.00 10.28
N ASN B 62 2.43 -19.00 11.61
CA ASN B 62 2.25 -20.26 12.32
C ASN B 62 0.86 -20.20 12.92
N ARG B 63 0.61 -20.99 13.96
CA ARG B 63 -0.72 -21.01 14.58
C ARG B 63 -0.70 -20.65 16.05
N ILE B 64 0.20 -19.73 16.41
CA ILE B 64 0.35 -19.26 17.78
C ILE B 64 -0.84 -18.40 18.16
N THR B 65 -1.38 -18.62 19.35
CA THR B 65 -2.55 -17.86 19.80
C THR B 65 -2.33 -17.03 21.05
N TYR B 66 -1.18 -17.20 21.69
CA TYR B 66 -0.89 -16.42 22.90
C TYR B 66 0.60 -16.39 23.20
N ILE B 67 1.00 -15.37 23.95
CA ILE B 67 2.39 -15.22 24.39
C ILE B 67 2.31 -15.20 25.91
N SER B 68 3.08 -16.07 26.56
CA SER B 68 3.09 -16.13 28.02
C SER B 68 4.33 -15.46 28.57
N ASN B 69 4.27 -15.03 29.82
CA ASN B 69 5.38 -14.36 30.49
C ASN B 69 6.74 -15.04 30.34
N SER B 70 6.77 -16.36 30.41
CA SER B 70 8.03 -17.11 30.33
C SER B 70 8.64 -17.32 28.95
N ASP B 71 7.83 -17.22 27.90
CA ASP B 71 8.30 -17.44 26.54
C ASP B 71 9.62 -16.78 26.16
N LEU B 72 9.70 -15.46 26.34
CA LEU B 72 10.89 -14.72 25.96
C LEU B 72 11.61 -14.10 27.13
N GLN B 73 11.37 -14.62 28.33
CA GLN B 73 11.98 -14.07 29.54
C GLN B 73 13.52 -14.04 29.56
N ARG B 74 14.15 -15.02 28.92
CA ARG B 74 15.62 -15.07 28.91
C ARG B 74 16.26 -14.38 27.71
N CYS B 75 15.43 -13.95 26.76
CA CYS B 75 15.94 -13.34 25.53
C CYS B 75 16.32 -11.88 25.64
N VAL B 76 17.26 -11.58 26.52
CA VAL B 76 17.70 -10.21 26.73
C VAL B 76 18.51 -9.61 25.58
N ASN B 77 18.85 -10.42 24.58
CA ASN B 77 19.60 -9.91 23.45
C ASN B 77 18.78 -9.92 22.17
N LEU B 78 17.52 -10.28 22.30
CA LEU B 78 16.60 -10.33 21.15
C LEU B 78 16.45 -8.95 20.53
N GLN B 79 16.70 -8.86 19.22
CA GLN B 79 16.62 -7.59 18.52
C GLN B 79 15.43 -7.51 17.56
N ALA B 80 14.88 -8.66 17.19
CA ALA B 80 13.73 -8.66 16.30
C ALA B 80 12.76 -9.77 16.65
N LEU B 81 11.48 -9.42 16.70
CA LEU B 81 10.42 -10.38 17.01
C LEU B 81 9.35 -10.17 15.95
N VAL B 82 9.20 -11.16 15.06
CA VAL B 82 8.24 -11.08 13.97
C VAL B 82 7.22 -12.19 14.16
N LEU B 83 5.97 -11.81 14.41
CA LEU B 83 4.92 -12.79 14.64
C LEU B 83 3.73 -12.56 13.72
N THR B 84 4.02 -12.05 12.53
CA THR B 84 3.01 -11.74 11.53
C THR B 84 2.10 -12.92 11.19
N SER B 85 0.81 -12.62 11.02
CA SER B 85 -0.15 -13.63 10.62
C SER B 85 -0.26 -14.90 11.44
N ASN B 86 -0.37 -14.76 12.76
CA ASN B 86 -0.61 -15.93 13.60
C ASN B 86 -2.03 -15.67 14.06
N GLY B 87 -2.42 -16.22 15.20
CA GLY B 87 -3.77 -15.97 15.69
C GLY B 87 -3.72 -15.49 17.12
N ILE B 88 -2.73 -14.65 17.43
CA ILE B 88 -2.54 -14.15 18.78
C ILE B 88 -3.62 -13.19 19.26
N ASN B 89 -4.26 -13.52 20.38
CA ASN B 89 -5.29 -12.67 20.95
C ASN B 89 -5.01 -12.42 22.43
N THR B 90 -3.91 -12.99 22.92
CA THR B 90 -3.52 -12.83 24.32
C THR B 90 -2.01 -12.68 24.47
N ILE B 91 -1.59 -11.64 25.18
CA ILE B 91 -0.17 -11.43 25.47
C ILE B 91 -0.11 -11.10 26.96
N GLU B 92 0.45 -12.02 27.76
CA GLU B 92 0.52 -11.80 29.20
C GLU B 92 1.25 -10.50 29.51
N GLU B 93 0.73 -9.75 30.47
CA GLU B 93 1.26 -8.44 30.85
C GLU B 93 2.77 -8.24 30.84
N ASP B 94 3.54 -9.19 31.38
CA ASP B 94 4.99 -9.01 31.43
C ASP B 94 5.78 -9.81 30.42
N SER B 95 5.13 -10.23 29.34
CA SER B 95 5.78 -11.03 28.31
C SER B 95 7.02 -10.39 27.67
N PHE B 96 7.06 -9.06 27.61
CA PHE B 96 8.18 -8.38 26.97
C PHE B 96 9.11 -7.67 27.95
N SER B 97 8.99 -7.99 29.24
CA SER B 97 9.81 -7.32 30.25
C SER B 97 11.32 -7.40 30.04
N SER B 98 11.79 -8.50 29.44
CA SER B 98 13.22 -8.66 29.23
C SER B 98 13.67 -8.22 27.84
N LEU B 99 12.77 -7.63 27.06
CA LEU B 99 13.11 -7.27 25.69
C LEU B 99 13.55 -5.83 25.46
N GLY B 100 14.38 -5.32 26.38
CA GLY B 100 14.89 -3.97 26.25
C GLY B 100 15.75 -3.75 25.02
N SER B 101 16.32 -4.84 24.48
CA SER B 101 17.17 -4.73 23.29
C SER B 101 16.40 -4.88 21.98
N LEU B 102 15.10 -5.11 22.08
CA LEU B 102 14.27 -5.28 20.88
C LEU B 102 14.20 -4.02 20.04
N GLU B 103 14.49 -4.16 18.74
CA GLU B 103 14.48 -3.04 17.83
C GLU B 103 13.29 -3.09 16.89
N HIS B 104 12.88 -4.31 16.55
CA HIS B 104 11.82 -4.57 15.58
C HIS B 104 10.74 -5.49 16.16
N LEU B 105 9.50 -5.00 16.19
CA LEU B 105 8.37 -5.79 16.72
C LEU B 105 7.23 -5.75 15.72
N ASP B 106 6.91 -6.89 15.13
CA ASP B 106 5.83 -6.99 14.16
C ASP B 106 4.76 -7.94 14.70
N LEU B 107 3.63 -7.37 15.10
CA LEU B 107 2.51 -8.16 15.60
C LEU B 107 1.32 -8.03 14.65
N SER B 108 1.58 -7.56 13.43
CA SER B 108 0.52 -7.36 12.46
C SER B 108 -0.26 -8.61 12.06
N TYR B 109 -1.52 -8.39 11.71
CA TYR B 109 -2.43 -9.43 11.29
C TYR B 109 -2.57 -10.60 12.25
N ASN B 110 -2.90 -10.26 13.49
CA ASN B 110 -3.16 -11.23 14.53
C ASN B 110 -4.56 -10.90 15.02
N TYR B 111 -4.95 -11.40 16.19
CA TYR B 111 -6.29 -11.15 16.69
C TYR B 111 -6.31 -10.34 18.00
N LEU B 112 -5.48 -9.30 18.06
CA LEU B 112 -5.42 -8.43 19.25
C LEU B 112 -6.53 -7.40 19.22
N SER B 113 -7.50 -7.51 20.14
CA SER B 113 -8.61 -6.56 20.19
C SER B 113 -8.48 -5.56 21.33
N ASN B 114 -7.48 -5.78 22.18
CA ASN B 114 -7.20 -4.92 23.32
C ASN B 114 -5.68 -4.86 23.45
N LEU B 115 -5.13 -3.66 23.57
CA LEU B 115 -3.67 -3.48 23.69
C LEU B 115 -3.31 -2.99 25.08
N SER B 116 -2.17 -3.47 25.60
CA SER B 116 -1.71 -3.09 26.95
C SER B 116 -0.41 -2.31 26.95
N SER B 117 -0.37 -1.23 27.72
CA SER B 117 0.84 -0.40 27.82
C SER B 117 2.01 -1.17 28.42
N SER B 118 1.70 -2.22 29.17
CA SER B 118 2.73 -3.03 29.81
C SER B 118 3.62 -3.75 28.79
N TRP B 119 3.10 -3.98 27.59
CA TRP B 119 3.88 -4.65 26.55
C TRP B 119 4.97 -3.73 26.02
N PHE B 120 4.68 -2.44 25.94
CA PHE B 120 5.62 -1.49 25.38
C PHE B 120 6.55 -0.74 26.31
N LYS B 121 6.18 -0.59 27.58
CA LYS B 121 7.02 0.13 28.52
C LYS B 121 8.48 -0.31 28.63
N PRO B 122 8.77 -1.63 28.62
CA PRO B 122 10.16 -2.08 28.71
C PRO B 122 10.99 -2.06 27.42
N LEU B 123 10.37 -1.71 26.31
CA LEU B 123 11.09 -1.74 25.04
C LEU B 123 12.00 -0.54 24.83
N SER B 124 13.11 -0.52 25.58
CA SER B 124 14.09 0.56 25.54
C SER B 124 14.75 0.84 24.20
N SER B 125 14.80 -0.15 23.31
CA SER B 125 15.46 0.04 22.03
C SER B 125 14.54 0.02 20.80
N LEU B 126 13.23 -0.01 21.01
CA LEU B 126 12.30 -0.11 19.88
C LEU B 126 12.33 1.04 18.87
N THR B 127 12.50 0.69 17.60
CA THR B 127 12.52 1.67 16.52
C THR B 127 11.44 1.38 15.48
N PHE B 128 10.97 0.13 15.44
CA PHE B 128 9.93 -0.25 14.48
C PHE B 128 8.82 -1.02 15.18
N LEU B 129 7.57 -0.59 14.98
CA LEU B 129 6.43 -1.25 15.59
C LEU B 129 5.28 -1.33 14.59
N ASN B 130 4.83 -2.54 14.29
CA ASN B 130 3.73 -2.73 13.36
C ASN B 130 2.58 -3.47 14.05
N LEU B 131 1.44 -2.78 14.21
CA LEU B 131 0.26 -3.37 14.85
C LEU B 131 -0.93 -3.38 13.89
N LEU B 132 -0.64 -3.21 12.61
CA LEU B 132 -1.66 -3.19 11.57
C LEU B 132 -2.45 -4.50 11.48
N GLY B 133 -3.72 -4.40 11.12
CA GLY B 133 -4.51 -5.60 10.93
C GLY B 133 -5.12 -6.32 12.13
N ASN B 134 -4.88 -5.83 13.33
CA ASN B 134 -5.48 -6.45 14.51
C ASN B 134 -6.83 -5.79 14.72
N PRO B 135 -7.84 -6.57 15.14
CA PRO B 135 -9.19 -6.06 15.38
C PRO B 135 -9.50 -5.10 16.52
N TYR B 136 -8.54 -4.27 16.94
CA TYR B 136 -8.86 -3.34 18.02
C TYR B 136 -9.66 -2.15 17.49
N LYS B 137 -10.53 -1.62 18.35
CA LYS B 137 -11.38 -0.49 17.99
C LYS B 137 -10.73 0.84 18.31
N THR B 138 -9.84 0.83 19.29
CA THR B 138 -9.12 2.03 19.70
C THR B 138 -7.76 1.55 20.20
N LEU B 139 -6.85 2.47 20.43
CA LEU B 139 -5.54 2.08 20.93
C LEU B 139 -5.57 1.79 22.42
N GLY B 140 -6.77 1.85 23.02
CA GLY B 140 -6.89 1.57 24.45
C GLY B 140 -7.11 2.79 25.31
N GLU B 141 -7.35 2.58 26.60
CA GLU B 141 -7.58 3.68 27.52
C GLU B 141 -6.32 4.17 28.24
N THR B 142 -5.16 3.69 27.81
CA THR B 142 -3.91 4.09 28.42
C THR B 142 -2.89 4.37 27.32
N SER B 143 -2.16 5.47 27.43
CA SER B 143 -1.14 5.80 26.42
C SER B 143 -0.19 4.60 26.36
N LEU B 144 -0.04 4.05 25.16
CA LEU B 144 0.80 2.87 24.97
C LEU B 144 2.27 3.12 24.69
N PHE B 145 2.59 4.25 24.06
CA PHE B 145 3.96 4.55 23.66
C PHE B 145 4.69 5.63 24.45
N SER B 146 4.17 5.96 25.63
CA SER B 146 4.76 6.98 26.49
C SER B 146 6.22 6.75 26.84
N HIS B 147 6.66 5.49 26.87
CA HIS B 147 8.05 5.18 27.24
C HIS B 147 9.02 4.93 26.10
N LEU B 148 8.50 4.88 24.87
CA LEU B 148 9.35 4.65 23.72
C LEU B 148 10.07 5.96 23.39
N THR B 149 11.38 5.96 23.57
CA THR B 149 12.19 7.16 23.34
C THR B 149 12.86 7.19 21.97
N LYS B 150 12.89 6.05 21.30
CA LYS B 150 13.57 5.93 20.01
C LYS B 150 12.72 5.51 18.82
N LEU B 151 11.40 5.35 19.02
CA LEU B 151 10.53 4.90 17.92
C LEU B 151 10.72 5.72 16.64
N GLN B 152 10.91 5.02 15.52
CA GLN B 152 11.16 5.64 14.23
C GLN B 152 10.03 5.39 13.24
N ILE B 153 9.44 4.19 13.31
CA ILE B 153 8.39 3.80 12.38
C ILE B 153 7.26 3.14 13.17
N LEU B 154 6.04 3.65 12.99
CA LEU B 154 4.88 3.12 13.68
C LEU B 154 3.72 2.96 12.72
N ARG B 155 3.13 1.76 12.69
CA ARG B 155 2.00 1.47 11.82
C ARG B 155 0.88 0.93 12.68
N VAL B 156 -0.28 1.58 12.66
CA VAL B 156 -1.40 1.15 13.48
C VAL B 156 -2.72 1.26 12.74
N GLY B 157 -3.73 0.57 13.26
CA GLY B 157 -5.04 0.62 12.64
C GLY B 157 -5.45 -0.63 11.92
N ASN B 158 -6.61 -0.58 11.27
CA ASN B 158 -7.12 -1.71 10.52
C ASN B 158 -8.25 -1.19 9.65
N MET B 159 -8.62 -2.00 8.66
CA MET B 159 -9.64 -1.61 7.70
C MET B 159 -11.10 -1.66 8.13
N ASP B 160 -11.44 -2.52 9.09
CA ASP B 160 -12.84 -2.64 9.49
C ASP B 160 -13.29 -2.21 10.88
N THR B 161 -12.39 -2.30 11.86
CA THR B 161 -12.79 -1.99 13.23
C THR B 161 -12.23 -0.74 13.93
N PHE B 162 -11.09 -0.24 13.47
CA PHE B 162 -10.50 0.96 14.09
C PHE B 162 -11.40 2.15 13.76
N THR B 163 -12.05 2.71 14.78
CA THR B 163 -12.97 3.83 14.56
C THR B 163 -12.75 5.10 15.36
N LYS B 164 -11.88 5.04 16.37
CA LYS B 164 -11.63 6.22 17.21
C LYS B 164 -10.17 6.53 17.47
N ILE B 165 -9.81 7.80 17.31
CA ILE B 165 -8.46 8.24 17.60
C ILE B 165 -8.63 9.20 18.77
N GLN B 166 -7.88 8.96 19.84
CA GLN B 166 -7.97 9.78 21.04
C GLN B 166 -6.69 10.56 21.31
N ARG B 167 -6.82 11.62 22.10
CA ARG B 167 -5.67 12.46 22.41
C ARG B 167 -4.53 11.74 23.11
N LYS B 168 -4.83 10.77 23.95
CA LYS B 168 -3.79 10.04 24.65
C LYS B 168 -3.08 9.02 23.78
N ASP B 169 -3.64 8.74 22.61
CA ASP B 169 -3.07 7.73 21.71
C ASP B 169 -1.59 7.84 21.37
N PHE B 170 -1.12 9.01 20.97
CA PHE B 170 0.28 9.13 20.61
C PHE B 170 1.12 9.96 21.57
N ALA B 171 0.65 10.07 22.82
CA ALA B 171 1.36 10.83 23.83
C ALA B 171 2.75 10.23 24.03
N GLY B 172 3.76 11.09 24.14
CA GLY B 172 5.11 10.61 24.33
C GLY B 172 5.92 10.55 23.05
N LEU B 173 5.23 10.45 21.91
CA LEU B 173 5.91 10.39 20.63
C LEU B 173 6.06 11.78 20.02
N THR B 174 7.23 12.38 20.20
CA THR B 174 7.47 13.71 19.67
C THR B 174 8.11 13.71 18.29
N PHE B 175 8.85 12.65 17.96
CA PHE B 175 9.51 12.55 16.67
C PHE B 175 9.35 11.17 16.08
N LEU B 176 9.03 11.11 14.80
CA LEU B 176 8.83 9.85 14.10
C LEU B 176 9.28 10.03 12.66
N GLU B 177 9.82 8.99 12.02
CA GLU B 177 10.21 9.13 10.62
C GLU B 177 8.98 8.83 9.78
N GLU B 178 8.25 7.77 10.13
CA GLU B 178 7.04 7.41 9.41
C GLU B 178 5.93 6.90 10.33
N LEU B 179 4.74 7.42 10.10
CA LEU B 179 3.56 7.04 10.87
C LEU B 179 2.45 6.68 9.89
N GLU B 180 1.99 5.43 9.94
CA GLU B 180 0.91 4.99 9.08
C GLU B 180 -0.27 4.60 9.94
N ILE B 181 -1.42 5.20 9.65
CA ILE B 181 -2.63 4.93 10.41
C ILE B 181 -3.71 4.47 9.46
N ASP B 182 -4.14 3.22 9.58
CA ASP B 182 -5.23 2.75 8.75
C ASP B 182 -6.49 3.04 9.53
N ALA B 183 -7.12 4.16 9.23
CA ALA B 183 -8.35 4.57 9.90
C ALA B 183 -9.49 4.57 8.89
N SER B 184 -9.53 3.54 8.06
CA SER B 184 -10.55 3.42 7.02
C SER B 184 -11.95 3.77 7.50
N ASP B 185 -12.38 3.14 8.59
CA ASP B 185 -13.72 3.41 9.11
C ASP B 185 -13.72 4.36 10.31
N LEU B 186 -12.81 5.33 10.30
CA LEU B 186 -12.71 6.30 11.38
C LEU B 186 -14.04 7.03 11.56
N GLN B 187 -14.50 7.09 12.81
CA GLN B 187 -15.76 7.75 13.14
C GLN B 187 -15.54 9.01 13.96
N SER B 188 -14.54 8.98 14.84
CA SER B 188 -14.27 10.15 15.66
C SER B 188 -12.78 10.40 15.80
N TYR B 189 -12.42 11.68 15.94
CA TYR B 189 -11.03 12.09 16.09
C TYR B 189 -11.00 13.20 17.14
N GLU B 190 -10.40 12.93 18.29
CA GLU B 190 -10.34 13.94 19.34
C GLU B 190 -9.37 15.03 18.89
N PRO B 191 -9.82 16.30 18.89
CA PRO B 191 -8.92 17.38 18.48
C PRO B 191 -7.59 17.38 19.24
N LYS B 192 -6.52 17.70 18.51
CA LYS B 192 -5.16 17.76 19.06
C LYS B 192 -4.49 16.39 19.27
N SER B 193 -5.13 15.31 18.83
CA SER B 193 -4.55 13.98 19.00
C SER B 193 -3.18 13.83 18.34
N LEU B 194 -3.04 14.38 17.14
CA LEU B 194 -1.78 14.29 16.39
C LEU B 194 -0.94 15.57 16.51
N LYS B 195 -1.48 16.56 17.21
CA LYS B 195 -0.80 17.84 17.39
C LYS B 195 0.45 17.71 18.25
N SER B 196 0.51 16.63 19.02
CA SER B 196 1.63 16.35 19.90
C SER B 196 2.94 16.01 19.18
N ILE B 197 2.84 15.32 18.04
CA ILE B 197 4.04 14.96 17.30
C ILE B 197 4.63 16.24 16.73
N GLN B 198 5.87 16.53 17.08
CA GLN B 198 6.53 17.73 16.63
C GLN B 198 7.11 17.61 15.22
N ASN B 199 7.48 16.40 14.83
CA ASN B 199 8.07 16.21 13.52
C ASN B 199 7.92 14.79 12.99
N VAL B 200 7.28 14.66 11.81
CA VAL B 200 7.10 13.37 11.16
C VAL B 200 7.44 13.56 9.69
N SER B 201 8.35 12.73 9.17
CA SER B 201 8.75 12.85 7.77
C SER B 201 7.65 12.38 6.82
N HIS B 202 7.00 11.26 7.15
CA HIS B 202 5.95 10.72 6.28
C HIS B 202 4.73 10.29 7.10
N LEU B 203 3.56 10.83 6.79
CA LEU B 203 2.34 10.43 7.49
C LEU B 203 1.43 9.83 6.42
N ILE B 204 1.03 8.57 6.63
CA ILE B 204 0.17 7.87 5.70
C ILE B 204 -1.16 7.60 6.39
N LEU B 205 -2.23 8.20 5.89
CA LEU B 205 -3.54 8.03 6.50
C LEU B 205 -4.55 7.38 5.58
N HIS B 206 -5.13 6.25 6.01
CA HIS B 206 -6.16 5.58 5.22
C HIS B 206 -7.45 6.03 5.90
N MET B 207 -8.38 6.59 5.13
CA MET B 207 -9.64 7.05 5.71
C MET B 207 -10.68 7.19 4.59
N LYS B 208 -11.79 6.48 4.72
CA LYS B 208 -12.85 6.52 3.70
C LYS B 208 -13.69 7.78 3.65
N GLN B 209 -14.10 8.29 4.81
CA GLN B 209 -14.92 9.50 4.85
C GLN B 209 -14.03 10.74 4.95
N HIS B 210 -14.53 11.88 4.47
CA HIS B 210 -13.74 13.12 4.52
C HIS B 210 -14.18 14.08 5.63
N ILE B 211 -15.26 13.75 6.33
CA ILE B 211 -15.78 14.61 7.37
C ILE B 211 -14.77 15.07 8.43
N LEU B 212 -13.79 14.23 8.74
CA LEU B 212 -12.77 14.57 9.75
C LEU B 212 -11.42 14.99 9.14
N LEU B 213 -11.36 15.10 7.82
CA LEU B 213 -10.11 15.47 7.16
C LEU B 213 -9.50 16.80 7.60
N LEU B 214 -10.31 17.85 7.63
CA LEU B 214 -9.78 19.16 8.03
C LEU B 214 -9.42 19.18 9.51
N GLU B 215 -10.10 18.34 10.29
CA GLU B 215 -9.84 18.25 11.73
C GLU B 215 -8.42 17.73 11.95
N ILE B 216 -8.07 16.70 11.18
CA ILE B 216 -6.75 16.10 11.27
C ILE B 216 -5.71 17.00 10.61
N PHE B 217 -6.07 17.58 9.46
CA PHE B 217 -5.13 18.45 8.75
C PHE B 217 -4.54 19.57 9.59
N VAL B 218 -5.39 20.29 10.30
CA VAL B 218 -4.90 21.39 11.12
C VAL B 218 -3.94 20.95 12.23
N ASP B 219 -4.03 19.68 12.64
CA ASP B 219 -3.16 19.17 13.69
C ASP B 219 -1.81 18.69 13.18
N VAL B 220 -1.69 18.49 11.86
CA VAL B 220 -0.42 18.00 11.31
C VAL B 220 0.25 18.90 10.28
N THR B 221 -0.46 19.92 9.81
CA THR B 221 0.09 20.80 8.81
C THR B 221 1.46 21.39 9.16
N SER B 222 1.71 21.63 10.44
CA SER B 222 2.99 22.21 10.87
C SER B 222 4.05 21.19 11.27
N SER B 223 3.75 19.90 11.17
CA SER B 223 4.70 18.88 11.58
C SER B 223 5.06 17.82 10.54
N VAL B 224 4.23 17.69 9.52
CA VAL B 224 4.46 16.67 8.49
C VAL B 224 5.14 17.18 7.23
N GLU B 225 6.14 16.45 6.76
CA GLU B 225 6.85 16.83 5.54
C GLU B 225 6.13 16.28 4.32
N CYS B 226 5.80 14.99 4.39
CA CYS B 226 5.09 14.33 3.30
C CYS B 226 3.81 13.72 3.83
N LEU B 227 2.68 14.18 3.33
CA LEU B 227 1.39 13.68 3.75
C LEU B 227 0.79 12.83 2.63
N GLU B 228 0.25 11.67 2.99
CA GLU B 228 -0.36 10.77 2.02
C GLU B 228 -1.75 10.37 2.50
N LEU B 229 -2.75 10.63 1.66
CA LEU B 229 -4.14 10.33 1.98
C LEU B 229 -4.58 9.20 1.06
N ARG B 230 -5.23 8.18 1.61
CA ARG B 230 -5.68 7.04 0.82
C ARG B 230 -7.16 6.68 0.98
N ASP B 231 -7.75 6.21 -0.12
CA ASP B 231 -9.13 5.74 -0.20
C ASP B 231 -10.29 6.67 0.15
N THR B 232 -10.01 7.93 0.43
CA THR B 232 -11.05 8.88 0.82
C THR B 232 -12.07 9.25 -0.25
N ASP B 233 -13.34 9.24 0.13
CA ASP B 233 -14.42 9.62 -0.78
C ASP B 233 -14.50 11.12 -0.61
N LEU B 234 -13.95 11.87 -1.56
CA LEU B 234 -13.93 13.33 -1.47
C LEU B 234 -15.11 14.08 -2.05
N ASP B 235 -16.14 13.36 -2.49
CA ASP B 235 -17.31 14.06 -3.02
C ASP B 235 -17.97 14.78 -1.86
N THR B 236 -18.36 16.03 -2.10
CA THR B 236 -18.98 16.86 -1.08
C THR B 236 -17.93 17.55 -0.20
N PHE B 237 -16.66 17.20 -0.40
CA PHE B 237 -15.60 17.84 0.39
C PHE B 237 -15.62 19.32 0.08
N HIS B 238 -15.60 20.15 1.11
CA HIS B 238 -15.59 21.59 0.93
C HIS B 238 -14.52 22.19 1.82
N PHE B 239 -13.68 23.06 1.24
CA PHE B 239 -12.61 23.70 1.99
C PHE B 239 -13.11 24.91 2.75
N SER B 240 -12.77 24.98 4.04
CA SER B 240 -13.18 26.10 4.87
C SER B 240 -12.04 26.51 5.80
N ASN B 248 2.49 28.89 7.01
CA ASN B 248 1.93 28.09 8.09
C ASN B 248 2.37 26.63 7.97
N SER B 249 1.94 25.99 6.89
CA SER B 249 2.24 24.58 6.65
C SER B 249 3.71 24.30 6.33
N LEU B 250 4.19 23.16 6.82
CA LEU B 250 5.56 22.74 6.55
C LEU B 250 5.54 21.56 5.59
N ILE B 251 4.35 21.26 5.07
CA ILE B 251 4.19 20.15 4.13
C ILE B 251 4.87 20.48 2.80
N LYS B 252 5.68 19.56 2.31
CA LYS B 252 6.39 19.75 1.03
C LYS B 252 5.84 18.82 -0.04
N LYS B 253 5.20 17.74 0.38
CA LYS B 253 4.63 16.78 -0.56
C LYS B 253 3.30 16.25 -0.07
N PHE B 254 2.32 16.22 -0.97
CA PHE B 254 1.00 15.72 -0.64
C PHE B 254 0.68 14.68 -1.69
N THR B 255 0.29 13.50 -1.24
CA THR B 255 -0.03 12.39 -2.13
C THR B 255 -1.46 11.93 -1.92
N PHE B 256 -2.16 11.66 -3.01
CA PHE B 256 -3.54 11.17 -2.95
C PHE B 256 -3.56 9.84 -3.68
N ARG B 257 -4.05 8.79 -3.03
CA ARG B 257 -4.08 7.47 -3.65
C ARG B 257 -5.43 6.78 -3.49
N ASN B 258 -6.03 6.37 -4.59
CA ASN B 258 -7.32 5.69 -4.60
C ASN B 258 -8.46 6.51 -4.01
N VAL B 259 -8.38 7.83 -4.10
CA VAL B 259 -9.44 8.68 -3.58
C VAL B 259 -10.55 8.81 -4.62
N LYS B 260 -11.77 9.10 -4.17
CA LYS B 260 -12.90 9.26 -5.08
C LYS B 260 -13.10 10.77 -5.21
N ILE B 261 -12.91 11.29 -6.41
CA ILE B 261 -13.02 12.73 -6.59
C ILE B 261 -13.67 13.13 -7.92
N THR B 262 -14.17 14.36 -7.96
CA THR B 262 -14.82 14.91 -9.16
C THR B 262 -14.21 16.29 -9.45
N ASP B 263 -14.65 16.93 -10.53
CA ASP B 263 -14.11 18.25 -10.86
C ASP B 263 -14.32 19.24 -9.73
N GLU B 264 -15.52 19.25 -9.17
CA GLU B 264 -15.81 20.18 -8.08
C GLU B 264 -14.99 19.91 -6.83
N SER B 265 -14.91 18.64 -6.43
CA SER B 265 -14.14 18.31 -5.23
C SER B 265 -12.65 18.50 -5.48
N LEU B 266 -12.20 18.32 -6.71
CA LEU B 266 -10.79 18.51 -7.02
C LEU B 266 -10.49 20.01 -6.84
N PHE B 267 -11.42 20.85 -7.27
CA PHE B 267 -11.27 22.29 -7.11
C PHE B 267 -11.15 22.64 -5.62
N GLN B 268 -12.01 22.04 -4.80
CA GLN B 268 -12.00 22.30 -3.36
C GLN B 268 -10.69 21.82 -2.72
N VAL B 269 -10.25 20.63 -3.10
CA VAL B 269 -9.00 20.12 -2.54
C VAL B 269 -7.85 21.04 -2.93
N MET B 270 -7.92 21.60 -4.14
CA MET B 270 -6.87 22.49 -4.61
C MET B 270 -6.84 23.81 -3.86
N LYS B 271 -7.99 24.23 -3.34
CA LYS B 271 -8.02 25.47 -2.57
C LYS B 271 -7.12 25.25 -1.35
N LEU B 272 -7.18 24.05 -0.79
CA LEU B 272 -6.35 23.71 0.37
C LEU B 272 -4.87 23.65 -0.02
N LEU B 273 -4.58 22.98 -1.13
CA LEU B 273 -3.21 22.85 -1.62
C LEU B 273 -2.60 24.20 -1.96
N ASN B 274 -3.42 25.11 -2.48
CA ASN B 274 -2.94 26.44 -2.84
C ASN B 274 -2.51 27.24 -1.61
N GLN B 275 -2.98 26.83 -0.44
CA GLN B 275 -2.63 27.54 0.80
C GLN B 275 -1.38 26.98 1.48
N ILE B 276 -0.83 25.90 0.93
CA ILE B 276 0.39 25.32 1.48
C ILE B 276 1.53 26.00 0.72
N SER B 277 2.00 27.10 1.29
CA SER B 277 3.06 27.92 0.69
C SER B 277 4.23 27.20 0.03
N GLY B 278 4.88 26.30 0.76
CA GLY B 278 6.02 25.62 0.20
C GLY B 278 5.79 24.23 -0.39
N LEU B 279 4.60 23.97 -0.91
CA LEU B 279 4.32 22.66 -1.50
C LEU B 279 5.18 22.47 -2.74
N LEU B 280 6.06 21.47 -2.71
CA LEU B 280 6.95 21.20 -3.84
C LEU B 280 6.53 20.03 -4.71
N GLU B 281 5.88 19.04 -4.10
CA GLU B 281 5.47 17.84 -4.83
C GLU B 281 3.99 17.49 -4.65
N LEU B 282 3.34 17.15 -5.75
CA LEU B 282 1.93 16.78 -5.73
C LEU B 282 1.76 15.45 -6.47
N GLU B 283 1.32 14.43 -5.77
CA GLU B 283 1.12 13.11 -6.37
C GLU B 283 -0.38 12.80 -6.49
N PHE B 284 -0.90 12.86 -7.72
CA PHE B 284 -2.30 12.58 -7.99
C PHE B 284 -2.50 11.36 -8.89
N SER B 285 -1.49 10.49 -8.92
CA SER B 285 -1.56 9.28 -9.71
C SER B 285 -2.50 8.28 -9.04
N ARG B 286 -3.07 7.37 -9.83
CA ARG B 286 -3.97 6.33 -9.34
C ARG B 286 -5.21 6.82 -8.59
N ASN B 287 -5.98 7.73 -9.18
CA ASN B 287 -7.18 8.24 -8.52
C ASN B 287 -8.42 8.23 -9.41
N GLN B 288 -8.38 7.45 -10.47
CA GLN B 288 -9.50 7.34 -11.41
C GLN B 288 -9.97 8.68 -11.98
N LEU B 289 -9.02 9.59 -12.20
CA LEU B 289 -9.32 10.91 -12.75
C LEU B 289 -9.53 10.87 -14.26
N LYS B 290 -10.57 11.54 -14.73
CA LYS B 290 -10.86 11.59 -16.15
C LYS B 290 -10.65 13.02 -16.68
N SER B 291 -10.67 13.98 -15.77
CA SER B 291 -10.49 15.38 -16.15
C SER B 291 -10.12 16.25 -14.96
N VAL B 292 -9.84 17.51 -15.26
CA VAL B 292 -9.50 18.48 -14.22
C VAL B 292 -10.11 19.82 -14.60
N PRO B 293 -10.38 20.68 -13.60
CA PRO B 293 -10.96 21.98 -13.92
C PRO B 293 -9.90 22.82 -14.65
N ASP B 294 -10.33 23.73 -15.53
CA ASP B 294 -9.37 24.58 -16.21
C ASP B 294 -8.61 25.39 -15.16
N GLY B 295 -7.31 25.56 -15.35
CA GLY B 295 -6.48 26.34 -14.44
C GLY B 295 -6.24 25.77 -13.05
N ILE B 296 -6.57 24.50 -12.89
CA ILE B 296 -6.41 23.85 -11.60
C ILE B 296 -5.02 23.88 -10.97
N PHE B 297 -3.96 23.92 -11.78
CA PHE B 297 -2.60 23.92 -11.22
C PHE B 297 -1.90 25.27 -11.27
N ASP B 298 -2.60 26.30 -11.72
CA ASP B 298 -2.02 27.63 -11.88
C ASP B 298 -1.62 28.41 -10.63
N ARG B 299 -2.06 27.97 -9.46
CA ARG B 299 -1.73 28.68 -8.22
C ARG B 299 -0.80 27.96 -7.24
N LEU B 300 -0.13 26.92 -7.72
CA LEU B 300 0.85 26.18 -6.91
C LEU B 300 2.19 26.78 -7.31
N THR B 301 2.47 27.98 -6.81
CA THR B 301 3.70 28.71 -7.15
C THR B 301 5.05 28.13 -6.73
N SER B 302 5.06 26.99 -6.06
CA SER B 302 6.33 26.40 -5.64
C SER B 302 6.49 24.98 -6.18
N LEU B 303 5.49 24.53 -6.92
CA LEU B 303 5.50 23.18 -7.49
C LEU B 303 6.74 22.88 -8.32
N GLN B 304 7.34 21.72 -8.07
CA GLN B 304 8.53 21.29 -8.81
C GLN B 304 8.30 19.92 -9.44
N LYS B 305 7.41 19.12 -8.82
CA LYS B 305 7.13 17.78 -9.33
C LYS B 305 5.64 17.43 -9.20
N ILE B 306 5.11 16.79 -10.23
CA ILE B 306 3.71 16.38 -10.20
C ILE B 306 3.53 15.02 -10.88
N TRP B 307 2.71 14.16 -10.27
CA TRP B 307 2.42 12.83 -10.79
C TRP B 307 0.95 12.79 -11.18
N LEU B 308 0.65 12.40 -12.42
CA LEU B 308 -0.73 12.32 -12.88
C LEU B 308 -1.05 11.03 -13.62
N HIS B 309 -0.08 10.12 -13.67
CA HIS B 309 -0.28 8.85 -14.36
C HIS B 309 -1.23 7.87 -13.69
N THR B 310 -1.54 6.80 -14.41
CA THR B 310 -2.44 5.76 -13.94
C THR B 310 -3.84 6.31 -13.60
N ASN B 311 -4.34 7.13 -14.51
CA ASN B 311 -5.67 7.74 -14.42
C ASN B 311 -6.27 7.62 -15.83
N PRO B 312 -7.56 7.27 -15.95
CA PRO B 312 -8.19 7.13 -17.27
C PRO B 312 -8.59 8.48 -17.88
N TRP B 313 -7.59 9.29 -18.23
CA TRP B 313 -7.84 10.60 -18.82
C TRP B 313 -8.66 10.59 -20.10
N ASP B 314 -9.65 11.46 -20.18
CA ASP B 314 -10.50 11.57 -21.36
C ASP B 314 -9.85 12.64 -22.22
N CYS B 315 -9.28 12.24 -23.36
CA CYS B 315 -8.62 13.22 -24.20
C CYS B 315 -9.43 13.81 -25.34
N SER B 316 -10.73 13.98 -25.14
CA SER B 316 -11.58 14.60 -26.17
C SER B 316 -11.04 16.02 -26.22
N CYS B 317 -10.80 16.54 -27.42
CA CYS B 317 -10.23 17.88 -27.52
C CYS B 317 -11.06 19.09 -27.12
N PRO B 318 -12.38 19.01 -27.29
CA PRO B 318 -13.08 20.22 -26.86
C PRO B 318 -13.12 20.27 -25.32
N ARG B 319 -12.10 19.71 -24.67
CA ARG B 319 -12.05 19.69 -23.21
C ARG B 319 -10.66 19.42 -22.62
N ILE B 320 -9.87 18.58 -23.28
CA ILE B 320 -8.55 18.24 -22.79
C ILE B 320 -7.49 19.32 -23.07
N ASP B 321 -7.91 20.43 -23.65
CA ASP B 321 -6.98 21.50 -23.99
C ASP B 321 -6.11 22.03 -22.84
N TYR B 322 -6.74 22.41 -21.73
CA TYR B 322 -5.96 22.94 -20.60
C TYR B 322 -4.87 22.00 -20.11
N LEU B 323 -5.27 20.78 -19.75
CA LEU B 323 -4.34 19.80 -19.24
C LEU B 323 -3.23 19.41 -20.22
N SER B 324 -3.58 19.22 -21.49
CA SER B 324 -2.59 18.87 -22.48
C SER B 324 -1.55 19.98 -22.62
N ARG B 325 -2.02 21.22 -22.66
CA ARG B 325 -1.12 22.36 -22.80
C ARG B 325 -0.28 22.59 -21.54
N TRP B 326 -0.88 22.41 -20.36
CA TRP B 326 -0.14 22.62 -19.12
C TRP B 326 0.97 21.57 -19.00
N LEU B 327 0.60 20.30 -19.21
CA LEU B 327 1.57 19.22 -19.11
C LEU B 327 2.71 19.35 -20.11
N ASN B 328 2.42 19.96 -21.27
CA ASN B 328 3.45 20.14 -22.29
C ASN B 328 4.40 21.25 -21.86
N LYS B 329 3.85 22.35 -21.37
CA LYS B 329 4.67 23.47 -20.91
C LYS B 329 5.47 23.12 -19.66
N ASN B 330 4.87 22.31 -18.79
CA ASN B 330 5.51 21.91 -17.55
C ASN B 330 6.01 20.46 -17.57
N SER B 331 6.43 20.00 -18.75
CA SER B 331 6.90 18.62 -18.90
C SER B 331 8.11 18.29 -18.02
N GLN B 332 8.85 19.31 -17.60
CA GLN B 332 10.02 19.10 -16.76
C GLN B 332 9.60 18.70 -15.34
N LYS B 333 8.33 18.96 -15.02
CA LYS B 333 7.80 18.66 -13.69
C LYS B 333 7.06 17.33 -13.60
N GLU B 334 6.53 16.84 -14.72
CA GLU B 334 5.80 15.59 -14.68
C GLU B 334 6.67 14.36 -14.45
N GLN B 335 6.27 13.54 -13.49
CA GLN B 335 6.97 12.31 -13.18
C GLN B 335 6.12 11.22 -13.80
N GLY B 336 6.72 10.41 -14.67
CA GLY B 336 5.94 9.39 -15.33
C GLY B 336 5.13 10.04 -16.44
N SER B 337 4.16 9.35 -17.00
CA SER B 337 3.37 9.95 -18.07
C SER B 337 1.88 9.69 -18.00
N ALA B 338 1.12 10.77 -17.85
CA ALA B 338 -0.34 10.67 -17.80
C ALA B 338 -0.71 10.31 -19.23
N LYS B 339 -1.54 9.29 -19.41
CA LYS B 339 -1.91 8.87 -20.75
C LYS B 339 -3.40 8.88 -21.02
N CYS B 340 -3.74 9.07 -22.29
CA CYS B 340 -5.13 9.09 -22.73
C CYS B 340 -5.69 7.67 -22.60
N SER B 341 -6.90 7.56 -22.05
CA SER B 341 -7.53 6.26 -21.89
C SER B 341 -7.75 5.58 -23.23
N GLY B 342 -7.29 4.33 -23.35
CA GLY B 342 -7.47 3.58 -24.57
C GLY B 342 -6.41 3.70 -25.66
N SER B 343 -5.62 4.75 -25.63
CA SER B 343 -4.59 4.94 -26.66
C SER B 343 -3.17 4.81 -26.12
N GLY B 344 -2.96 5.17 -24.86
CA GLY B 344 -1.63 5.10 -24.29
C GLY B 344 -0.78 6.28 -24.73
N LYS B 345 -1.41 7.23 -25.43
CA LYS B 345 -0.67 8.40 -25.90
C LYS B 345 -0.60 9.42 -24.76
N PRO B 346 0.58 10.02 -24.56
CA PRO B 346 0.80 11.02 -23.50
C PRO B 346 -0.15 12.21 -23.64
N VAL B 347 -0.80 12.59 -22.54
CA VAL B 347 -1.72 13.71 -22.55
C VAL B 347 -1.00 14.98 -23.02
N ARG B 348 0.28 15.09 -22.68
CA ARG B 348 1.05 16.27 -23.06
C ARG B 348 1.27 16.41 -24.57
N SER B 349 1.01 15.36 -25.32
CA SER B 349 1.20 15.39 -26.77
C SER B 349 -0.06 15.67 -27.57
N ILE B 350 -1.18 15.84 -26.88
CA ILE B 350 -2.43 16.11 -27.56
C ILE B 350 -2.53 17.57 -27.97
N ILE B 351 -2.75 17.80 -29.27
CA ILE B 351 -2.89 19.15 -29.80
C ILE B 351 -4.33 19.42 -30.20
N CYS B 352 -5.04 20.23 -29.42
CA CYS B 352 -6.42 20.56 -29.75
C CYS B 352 -6.48 21.68 -30.78
N PRO B 353 -7.33 21.52 -31.81
CA PRO B 353 -7.47 22.53 -32.86
C PRO B 353 -7.98 23.87 -32.33
C1 NAG C . -14.97 -23.33 -5.36
C2 NAG C . -15.56 -24.02 -4.12
C3 NAG C . -14.91 -25.39 -3.91
C4 NAG C . -14.96 -26.23 -5.19
C5 NAG C . -14.41 -25.43 -6.37
C6 NAG C . -14.55 -26.16 -7.69
C7 NAG C . -16.34 -23.04 -2.07
C8 NAG C . -16.35 -23.99 -0.87
N2 NAG C . -15.36 -23.19 -2.96
O3 NAG C . -15.57 -26.08 -2.86
O4 NAG C . -14.21 -27.42 -5.02
O5 NAG C . -15.11 -24.17 -6.51
O6 NAG C . -15.91 -26.47 -7.95
O7 NAG C . -17.21 -22.18 -2.18
#